data_5ONB
#
_entry.id   5ONB
#
_cell.length_a   105.570
_cell.length_b   200.930
_cell.length_c   59.600
_cell.angle_alpha   90.00
_cell.angle_beta   90.00
_cell.angle_gamma   90.00
#
_symmetry.space_group_name_H-M   'P 21 21 2'
#
loop_
_entity.id
_entity.type
_entity.pdbx_description
1 polymer 'CCR4-NOT transcription complex subunit 9'
2 polymer 'Protein bag-of-marbles'
3 non-polymer GLYCEROL
#
loop_
_entity_poly.entity_id
_entity_poly.type
_entity_poly.pdbx_seq_one_letter_code
_entity_poly.pdbx_strand_id
1 'polypeptide(L)'
;GPHMLEREKIYQWINELSSPETRENALLELSKKRESVPDLAPMLWHSFGTIAALLQEIVNIYPSINPPTLTAHQSNRVCN
ALALLQCVASHPETRSAFLAAHIPLFLYPFLHTVSKTRPFEYLRLTSLGVIGALVKTDEQEVINFLLTTEIIPLCLRIME
SGSELSKTVATFILQKILLDDTGLAYICQTYERFSHVAMILGKMVLQLSKEPSARLLKHVVRCYLRLSDNPRAREALRQC
LPDQLKDTTFAQVLKDDTTTKRWLAQLVKNLQE
;
A,C,E,G
2 'polypeptide(L)' DDQQLDHNFKQMEEHLALMVEGNE B,D,F,H
#
loop_
_chem_comp.id
_chem_comp.type
_chem_comp.name
_chem_comp.formula
GOL non-polymer GLYCEROL 'C3 H8 O3'
#
# COMPACT_ATOMS: atom_id res chain seq x y z
N MET A 4 -26.57 -17.68 41.44
CA MET A 4 -25.66 -17.24 42.50
C MET A 4 -24.37 -18.09 42.55
N LEU A 5 -24.44 -19.33 43.13
CA LEU A 5 -23.35 -20.29 43.32
C LEU A 5 -22.59 -20.49 42.03
N GLU A 6 -23.33 -20.51 40.91
CA GLU A 6 -22.76 -20.63 39.58
C GLU A 6 -21.71 -19.54 39.34
N ARG A 7 -22.05 -18.26 39.59
CA ARG A 7 -21.17 -17.10 39.39
C ARG A 7 -19.93 -17.18 40.23
N GLU A 8 -20.10 -17.53 41.52
CA GLU A 8 -19.01 -17.68 42.50
C GLU A 8 -17.93 -18.64 41.99
N LYS A 9 -18.38 -19.77 41.40
CA LYS A 9 -17.54 -20.80 40.82
C LYS A 9 -16.71 -20.22 39.67
N ILE A 10 -17.35 -19.36 38.83
CA ILE A 10 -16.72 -18.69 37.69
C ILE A 10 -15.67 -17.67 38.19
N TYR A 11 -16.03 -16.81 39.17
CA TYR A 11 -15.15 -15.78 39.75
C TYR A 11 -13.91 -16.40 40.38
N GLN A 12 -14.08 -17.59 40.96
CA GLN A 12 -13.03 -18.34 41.63
C GLN A 12 -12.02 -18.80 40.59
N TRP A 13 -12.51 -19.38 39.47
CA TRP A 13 -11.69 -19.85 38.37
C TRP A 13 -10.90 -18.73 37.68
N ILE A 14 -11.55 -17.53 37.51
CA ILE A 14 -10.92 -16.33 36.90
C ILE A 14 -9.72 -15.91 37.74
N ASN A 15 -9.92 -15.92 39.09
CA ASN A 15 -8.90 -15.60 40.05
C ASN A 15 -7.84 -16.72 40.11
N GLU A 16 -8.25 -17.99 39.87
CA GLU A 16 -7.36 -19.16 39.85
C GLU A 16 -6.39 -19.14 38.64
N LEU A 17 -6.72 -18.39 37.57
CA LEU A 17 -5.88 -18.24 36.38
C LEU A 17 -4.58 -17.50 36.67
N SER A 18 -4.62 -16.59 37.67
CA SER A 18 -3.48 -15.78 38.08
C SER A 18 -2.29 -16.62 38.63
N SER A 19 -2.54 -17.62 39.51
CA SER A 19 -1.46 -18.47 40.02
C SER A 19 -1.28 -19.71 39.12
N PRO A 20 -0.04 -20.05 38.67
CA PRO A 20 0.14 -21.21 37.78
C PRO A 20 -0.30 -22.55 38.36
N GLU A 21 -0.32 -22.66 39.70
CA GLU A 21 -0.71 -23.84 40.45
C GLU A 21 -2.16 -24.27 40.18
N THR A 22 -3.06 -23.31 39.85
CA THR A 22 -4.49 -23.57 39.58
C THR A 22 -4.94 -23.18 38.15
N ARG A 23 -4.07 -22.48 37.39
CA ARG A 23 -4.31 -21.97 36.02
C ARG A 23 -4.82 -23.05 35.04
N GLU A 24 -4.21 -24.25 35.02
CA GLU A 24 -4.57 -25.35 34.12
C GLU A 24 -6.03 -25.82 34.25
N ASN A 25 -6.49 -26.10 35.47
CA ASN A 25 -7.85 -26.55 35.72
C ASN A 25 -8.87 -25.42 35.47
N ALA A 26 -8.50 -24.17 35.88
CA ALA A 26 -9.32 -22.97 35.71
C ALA A 26 -9.53 -22.68 34.20
N LEU A 27 -8.51 -23.00 33.37
CA LEU A 27 -8.60 -22.84 31.93
C LEU A 27 -9.64 -23.79 31.39
N LEU A 28 -9.54 -25.08 31.73
CA LEU A 28 -10.46 -26.14 31.31
C LEU A 28 -11.91 -25.86 31.68
N GLU A 29 -12.17 -25.50 32.95
CA GLU A 29 -13.53 -25.24 33.43
C GLU A 29 -14.14 -24.03 32.74
N LEU A 30 -13.41 -22.93 32.65
CA LEU A 30 -13.88 -21.70 31.99
C LEU A 30 -14.08 -21.86 30.48
N SER A 31 -13.15 -22.57 29.78
CA SER A 31 -13.24 -22.77 28.32
C SER A 31 -14.51 -23.51 27.86
N LYS A 32 -15.09 -24.35 28.75
CA LYS A 32 -16.32 -25.09 28.43
C LYS A 32 -17.56 -24.33 28.89
N LYS A 33 -17.45 -23.54 29.98
CA LYS A 33 -18.57 -22.73 30.49
C LYS A 33 -18.74 -21.42 29.66
N ARG A 34 -17.79 -21.16 28.76
CA ARG A 34 -17.63 -20.01 27.88
C ARG A 34 -18.91 -19.51 27.17
N GLU A 35 -19.69 -20.45 26.59
CA GLU A 35 -20.94 -20.14 25.87
C GLU A 35 -22.16 -19.94 26.80
N SER A 36 -22.13 -20.56 27.99
CA SER A 36 -23.19 -20.44 29.00
C SER A 36 -23.09 -19.15 29.84
N VAL A 37 -21.93 -18.46 29.81
CA VAL A 37 -21.69 -17.18 30.50
C VAL A 37 -21.62 -16.06 29.45
N PRO A 38 -22.59 -15.13 29.43
CA PRO A 38 -22.56 -14.08 28.39
C PRO A 38 -21.53 -12.98 28.65
N ASP A 39 -21.47 -12.50 29.88
CA ASP A 39 -20.54 -11.46 30.31
C ASP A 39 -19.19 -12.02 30.78
N LEU A 40 -18.76 -13.19 30.26
CA LEU A 40 -17.49 -13.79 30.65
C LEU A 40 -16.30 -12.96 30.19
N ALA A 41 -16.35 -12.44 28.95
CA ALA A 41 -15.27 -11.62 28.39
C ALA A 41 -14.90 -10.39 29.24
N PRO A 42 -15.83 -9.51 29.71
CA PRO A 42 -15.38 -8.36 30.52
C PRO A 42 -14.94 -8.78 31.92
N MET A 43 -15.41 -9.94 32.38
CA MET A 43 -15.00 -10.52 33.67
C MET A 43 -13.54 -10.95 33.53
N LEU A 44 -13.19 -11.56 32.37
CA LEU A 44 -11.82 -11.97 32.03
C LEU A 44 -10.95 -10.73 31.86
N TRP A 45 -11.48 -9.68 31.19
CA TRP A 45 -10.75 -8.46 30.89
C TRP A 45 -10.49 -7.56 32.08
N HIS A 46 -11.46 -7.41 32.98
CA HIS A 46 -11.28 -6.49 34.09
C HIS A 46 -10.77 -7.14 35.37
N SER A 47 -10.46 -8.45 35.30
CA SER A 47 -9.83 -9.14 36.42
C SER A 47 -8.33 -9.00 36.24
N PHE A 48 -7.69 -8.48 37.30
CA PHE A 48 -6.26 -8.22 37.39
C PHE A 48 -5.39 -9.40 37.01
N GLY A 49 -4.54 -9.16 36.02
CA GLY A 49 -3.58 -10.13 35.52
C GLY A 49 -4.11 -11.38 34.83
N THR A 50 -5.43 -11.40 34.51
CA THR A 50 -6.09 -12.51 33.82
C THR A 50 -5.63 -12.58 32.36
N ILE A 51 -5.59 -11.44 31.65
CA ILE A 51 -5.15 -11.41 30.26
C ILE A 51 -3.67 -11.81 30.15
N ALA A 52 -2.83 -11.31 31.08
CA ALA A 52 -1.39 -11.60 31.15
C ALA A 52 -1.15 -13.11 31.33
N ALA A 53 -1.98 -13.78 32.16
CA ALA A 53 -2.00 -15.22 32.40
C ALA A 53 -2.35 -15.98 31.10
N LEU A 54 -3.34 -15.47 30.35
CA LEU A 54 -3.74 -16.07 29.07
C LEU A 54 -2.62 -15.92 28.05
N LEU A 55 -1.93 -14.78 28.04
CA LEU A 55 -0.84 -14.54 27.10
C LEU A 55 0.41 -15.31 27.45
N GLN A 56 0.60 -15.61 28.75
CA GLN A 56 1.72 -16.41 29.25
C GLN A 56 1.53 -17.83 28.71
N GLU A 57 0.30 -18.35 28.74
CA GLU A 57 0.00 -19.69 28.26
C GLU A 57 0.36 -19.84 26.78
N ILE A 58 0.25 -18.75 26.02
CA ILE A 58 0.59 -18.70 24.59
C ILE A 58 2.09 -18.72 24.37
N VAL A 59 2.82 -17.80 25.02
CA VAL A 59 4.27 -17.64 24.88
C VAL A 59 5.05 -18.85 25.42
N ASN A 60 4.53 -19.56 26.42
CA ASN A 60 5.15 -20.76 27.03
C ASN A 60 5.27 -21.93 26.02
N ILE A 61 4.33 -21.98 25.07
CA ILE A 61 4.21 -23.00 24.04
C ILE A 61 5.08 -22.69 22.80
N TYR A 62 5.61 -21.45 22.68
CA TYR A 62 6.46 -21.04 21.55
C TYR A 62 7.64 -22.00 21.30
N PRO A 63 8.42 -22.44 22.35
CA PRO A 63 9.53 -23.37 22.07
C PRO A 63 9.13 -24.74 21.51
N SER A 64 7.85 -25.11 21.70
CA SER A 64 7.30 -26.39 21.26
C SER A 64 6.61 -26.27 19.89
N ILE A 65 6.63 -25.07 19.28
CA ILE A 65 6.00 -24.75 17.97
C ILE A 65 7.00 -25.04 16.87
N ASN A 66 8.24 -24.56 17.08
CA ASN A 66 9.37 -24.75 16.19
C ASN A 66 10.58 -24.99 17.07
N PRO A 67 11.13 -26.23 17.08
CA PRO A 67 10.70 -27.41 16.30
C PRO A 67 9.34 -27.94 16.74
N PRO A 68 8.50 -28.44 15.80
CA PRO A 68 7.15 -28.95 16.17
C PRO A 68 7.13 -30.17 17.12
N THR A 69 7.25 -29.91 18.41
CA THR A 69 7.29 -30.91 19.46
C THR A 69 6.09 -30.75 20.41
N LEU A 70 5.01 -30.08 19.93
CA LEU A 70 3.78 -29.84 20.67
C LEU A 70 3.02 -31.13 20.85
N THR A 71 2.73 -31.47 22.11
CA THR A 71 2.02 -32.68 22.54
C THR A 71 0.53 -32.43 22.65
N ALA A 72 -0.27 -33.51 22.76
CA ALA A 72 -1.72 -33.46 22.89
C ALA A 72 -2.13 -32.62 24.10
N HIS A 73 -1.49 -32.88 25.26
CA HIS A 73 -1.70 -32.16 26.51
C HIS A 73 -1.36 -30.67 26.33
N GLN A 74 -0.18 -30.37 25.73
CA GLN A 74 0.30 -29.01 25.47
C GLN A 74 -0.72 -28.21 24.64
N SER A 75 -1.25 -28.83 23.58
CA SER A 75 -2.23 -28.27 22.66
C SER A 75 -3.55 -28.04 23.39
N ASN A 76 -4.05 -29.05 24.14
CA ASN A 76 -5.30 -28.96 24.91
C ASN A 76 -5.27 -27.77 25.85
N ARG A 77 -4.15 -27.59 26.58
CA ARG A 77 -3.96 -26.51 27.53
C ARG A 77 -3.99 -25.15 26.86
N VAL A 78 -3.17 -24.93 25.79
CA VAL A 78 -3.11 -23.64 25.08
C VAL A 78 -4.43 -23.34 24.35
N CYS A 79 -5.15 -24.38 23.86
CA CYS A 79 -6.43 -24.20 23.17
C CYS A 79 -7.57 -23.81 24.09
N ASN A 80 -7.38 -23.97 25.40
CA ASN A 80 -8.40 -23.56 26.37
C ASN A 80 -8.18 -22.07 26.59
N ALA A 81 -6.89 -21.65 26.58
CA ALA A 81 -6.48 -20.26 26.75
C ALA A 81 -6.89 -19.47 25.52
N LEU A 82 -6.73 -20.07 24.32
CA LEU A 82 -7.10 -19.47 23.06
C LEU A 82 -8.62 -19.36 22.95
N ALA A 83 -9.35 -20.33 23.52
CA ALA A 83 -10.80 -20.32 23.53
C ALA A 83 -11.30 -19.15 24.35
N LEU A 84 -10.64 -18.87 25.48
CA LEU A 84 -11.01 -17.75 26.33
C LEU A 84 -10.72 -16.43 25.64
N LEU A 85 -9.70 -16.38 24.76
CA LEU A 85 -9.34 -15.18 24.00
C LEU A 85 -10.33 -14.96 22.88
N GLN A 86 -10.88 -16.08 22.37
CA GLN A 86 -11.88 -16.14 21.31
C GLN A 86 -13.11 -15.39 21.77
N CYS A 87 -13.52 -15.64 23.02
CA CYS A 87 -14.69 -15.00 23.58
C CYS A 87 -14.41 -13.54 23.96
N VAL A 88 -13.15 -13.19 24.26
CA VAL A 88 -12.72 -11.81 24.55
C VAL A 88 -12.77 -11.02 23.24
N ALA A 89 -12.34 -11.66 22.13
CA ALA A 89 -12.37 -11.09 20.78
C ALA A 89 -13.81 -10.80 20.33
N SER A 90 -14.78 -11.70 20.65
CA SER A 90 -16.20 -11.63 20.27
C SER A 90 -16.97 -10.47 20.92
N HIS A 91 -16.81 -10.32 22.24
CA HIS A 91 -17.53 -9.34 23.06
C HIS A 91 -17.31 -7.86 22.69
N PRO A 92 -18.42 -7.07 22.57
CA PRO A 92 -18.28 -5.64 22.22
C PRO A 92 -17.51 -4.78 23.22
N GLU A 93 -17.64 -5.10 24.52
CA GLU A 93 -16.98 -4.36 25.59
C GLU A 93 -15.45 -4.53 25.56
N THR A 94 -14.99 -5.68 25.09
CA THR A 94 -13.59 -6.04 25.12
C THR A 94 -12.88 -6.06 23.77
N ARG A 95 -13.63 -6.08 22.66
CA ARG A 95 -13.05 -6.23 21.32
C ARG A 95 -12.06 -5.13 20.93
N SER A 96 -12.44 -3.87 21.12
CA SER A 96 -11.58 -2.74 20.76
C SER A 96 -10.29 -2.76 21.60
N ALA A 97 -10.44 -3.07 22.91
CA ALA A 97 -9.35 -3.17 23.88
C ALA A 97 -8.38 -4.32 23.54
N PHE A 98 -8.93 -5.49 23.10
CA PHE A 98 -8.21 -6.70 22.67
C PHE A 98 -7.32 -6.35 21.45
N LEU A 99 -7.89 -5.61 20.46
CA LEU A 99 -7.18 -5.17 19.26
C LEU A 99 -6.06 -4.16 19.63
N ALA A 100 -6.39 -3.16 20.48
CA ALA A 100 -5.42 -2.15 20.95
C ALA A 100 -4.26 -2.81 21.74
N ALA A 101 -4.54 -3.97 22.35
CA ALA A 101 -3.55 -4.75 23.10
C ALA A 101 -2.78 -5.70 22.18
N HIS A 102 -3.03 -5.60 20.83
CA HIS A 102 -2.40 -6.38 19.74
C HIS A 102 -2.40 -7.91 19.94
N ILE A 103 -3.30 -8.44 20.82
CA ILE A 103 -3.40 -9.87 21.16
C ILE A 103 -3.30 -10.79 19.89
N PRO A 104 -3.96 -10.51 18.72
CA PRO A 104 -3.79 -11.40 17.54
C PRO A 104 -2.34 -11.72 17.11
N LEU A 105 -1.41 -10.74 17.25
CA LEU A 105 0.02 -10.92 16.96
C LEU A 105 0.72 -12.11 17.69
N PHE A 106 0.14 -12.57 18.80
CA PHE A 106 0.68 -13.69 19.55
C PHE A 106 0.31 -15.03 18.89
N LEU A 107 -0.74 -15.01 18.06
CA LEU A 107 -1.32 -16.19 17.41
C LEU A 107 -0.70 -16.42 16.07
N TYR A 108 -0.14 -15.37 15.46
CA TYR A 108 0.48 -15.45 14.14
C TYR A 108 1.55 -16.56 14.08
N PRO A 109 2.43 -16.78 15.11
CA PRO A 109 3.36 -17.92 15.03
C PRO A 109 2.62 -19.23 14.83
N PHE A 110 1.49 -19.43 15.55
CA PHE A 110 0.66 -20.65 15.51
C PHE A 110 0.11 -20.89 14.11
N LEU A 111 -0.34 -19.81 13.44
CA LEU A 111 -0.90 -19.83 12.09
C LEU A 111 0.19 -20.07 11.01
N HIS A 112 1.48 -19.90 11.37
CA HIS A 112 2.61 -20.12 10.48
C HIS A 112 2.93 -21.61 10.36
N THR A 113 2.54 -22.42 11.39
CA THR A 113 2.81 -23.85 11.47
C THR A 113 2.19 -24.63 10.34
N VAL A 114 2.88 -25.71 9.93
CA VAL A 114 2.42 -26.55 8.84
C VAL A 114 2.19 -28.01 9.29
N SER A 115 2.84 -28.46 10.40
CA SER A 115 2.74 -29.83 10.93
C SER A 115 1.29 -30.27 10.90
N LYS A 116 1.03 -31.42 10.25
CA LYS A 116 -0.33 -31.94 10.07
C LYS A 116 -0.79 -32.85 11.23
N THR A 117 -0.05 -32.85 12.37
CA THR A 117 -0.40 -33.62 13.57
C THR A 117 -1.63 -32.98 14.23
N ARG A 118 -2.45 -33.77 14.96
CA ARG A 118 -3.66 -33.22 15.60
C ARG A 118 -3.35 -32.09 16.59
N PRO A 119 -2.29 -32.14 17.46
CA PRO A 119 -2.01 -30.99 18.34
C PRO A 119 -1.86 -29.69 17.54
N PHE A 120 -1.29 -29.77 16.32
CA PHE A 120 -1.10 -28.64 15.40
C PHE A 120 -2.37 -28.23 14.69
N GLU A 121 -3.15 -29.23 14.26
CA GLU A 121 -4.45 -29.04 13.62
C GLU A 121 -5.34 -28.18 14.55
N TYR A 122 -5.46 -28.64 15.83
CA TYR A 122 -6.24 -28.00 16.88
C TYR A 122 -5.74 -26.59 17.19
N LEU A 123 -4.41 -26.43 17.29
CA LEU A 123 -3.75 -25.14 17.54
C LEU A 123 -4.11 -24.13 16.47
N ARG A 124 -3.96 -24.48 15.17
CA ARG A 124 -4.26 -23.59 14.03
C ARG A 124 -5.75 -23.23 13.94
N LEU A 125 -6.64 -24.24 14.13
CA LEU A 125 -8.08 -24.12 14.10
C LEU A 125 -8.58 -23.16 15.18
N THR A 126 -8.07 -23.31 16.44
CA THR A 126 -8.46 -22.47 17.58
C THR A 126 -7.97 -21.06 17.38
N SER A 127 -6.73 -20.90 16.86
CA SER A 127 -6.14 -19.60 16.56
C SER A 127 -6.94 -18.90 15.46
N LEU A 128 -7.35 -19.65 14.40
CA LEU A 128 -8.18 -19.09 13.34
C LEU A 128 -9.52 -18.62 13.92
N GLY A 129 -10.09 -19.42 14.84
CA GLY A 129 -11.34 -19.12 15.51
C GLY A 129 -11.35 -17.78 16.22
N VAL A 130 -10.15 -17.36 16.74
CA VAL A 130 -9.96 -16.07 17.41
C VAL A 130 -10.08 -14.96 16.38
N ILE A 131 -9.37 -15.08 15.23
CA ILE A 131 -9.43 -14.09 14.15
C ILE A 131 -10.86 -14.00 13.58
N GLY A 132 -11.51 -15.18 13.48
CA GLY A 132 -12.88 -15.33 13.03
C GLY A 132 -13.85 -14.59 13.92
N ALA A 133 -13.64 -14.71 15.22
CA ALA A 133 -14.44 -14.03 16.23
C ALA A 133 -14.30 -12.50 16.05
N LEU A 134 -13.06 -12.03 15.82
CA LEU A 134 -12.73 -10.62 15.61
C LEU A 134 -13.36 -10.04 14.34
N VAL A 135 -13.36 -10.79 13.23
CA VAL A 135 -13.92 -10.34 11.94
C VAL A 135 -15.45 -10.34 11.93
N LYS A 136 -16.11 -11.37 12.55
CA LYS A 136 -17.56 -11.49 12.59
C LYS A 136 -18.26 -10.20 13.05
N THR A 137 -17.55 -9.39 13.85
CA THR A 137 -17.99 -8.12 14.43
C THR A 137 -18.13 -7.01 13.36
N ASP A 138 -17.69 -7.28 12.12
CA ASP A 138 -17.72 -6.36 10.97
C ASP A 138 -17.31 -4.93 11.35
N GLU A 139 -16.10 -4.85 11.90
CA GLU A 139 -15.49 -3.62 12.34
C GLU A 139 -14.34 -3.23 11.44
N GLN A 140 -14.38 -2.00 10.93
CA GLN A 140 -13.38 -1.40 10.06
C GLN A 140 -12.01 -1.41 10.74
N GLU A 141 -11.95 -1.06 12.04
CA GLU A 141 -10.70 -1.03 12.81
C GLU A 141 -9.98 -2.40 12.84
N VAL A 142 -10.77 -3.51 12.94
CA VAL A 142 -10.31 -4.92 12.88
C VAL A 142 -9.71 -5.17 11.48
N ILE A 143 -10.44 -4.76 10.42
CA ILE A 143 -10.03 -4.90 9.01
C ILE A 143 -8.71 -4.18 8.75
N ASN A 144 -8.61 -2.90 9.15
CA ASN A 144 -7.40 -2.11 8.96
C ASN A 144 -6.23 -2.68 9.75
N PHE A 145 -6.48 -3.31 10.91
CA PHE A 145 -5.42 -3.98 11.68
C PHE A 145 -4.91 -5.14 10.83
N LEU A 146 -5.84 -6.07 10.48
CA LEU A 146 -5.60 -7.27 9.69
C LEU A 146 -4.91 -7.03 8.35
N LEU A 147 -5.23 -5.91 7.67
CA LEU A 147 -4.61 -5.56 6.39
C LEU A 147 -3.13 -5.20 6.58
N THR A 148 -2.80 -4.45 7.63
CA THR A 148 -1.42 -4.04 7.90
C THR A 148 -0.55 -5.13 8.53
N THR A 149 -1.14 -6.20 9.09
CA THR A 149 -0.39 -7.24 9.82
C THR A 149 -0.03 -8.49 8.99
N GLU A 150 -0.41 -8.55 7.72
CA GLU A 150 -0.10 -9.68 6.82
C GLU A 150 -0.77 -11.00 7.26
N ILE A 151 -2.11 -10.94 7.50
CA ILE A 151 -2.89 -12.13 7.83
C ILE A 151 -3.31 -12.81 6.52
N ILE A 152 -3.64 -12.00 5.46
CA ILE A 152 -4.09 -12.51 4.15
C ILE A 152 -3.14 -13.61 3.66
N PRO A 153 -1.79 -13.42 3.67
CA PRO A 153 -0.90 -14.51 3.28
C PRO A 153 -1.12 -15.78 4.09
N LEU A 154 -1.17 -15.66 5.45
CA LEU A 154 -1.35 -16.76 6.41
C LEU A 154 -2.64 -17.53 6.17
N CYS A 155 -3.71 -16.80 5.81
CA CYS A 155 -5.03 -17.37 5.52
C CYS A 155 -5.00 -18.24 4.28
N LEU A 156 -4.51 -17.68 3.17
CA LEU A 156 -4.32 -18.28 1.85
C LEU A 156 -3.50 -19.58 1.90
N ARG A 157 -2.49 -19.68 2.80
CA ARG A 157 -1.67 -20.88 2.97
C ARG A 157 -2.52 -21.99 3.58
N ILE A 158 -3.35 -21.62 4.58
CA ILE A 158 -4.25 -22.51 5.29
C ILE A 158 -5.39 -22.91 4.34
N MET A 159 -5.95 -21.91 3.63
CA MET A 159 -7.04 -22.05 2.65
C MET A 159 -6.71 -23.08 1.60
N GLU A 160 -5.47 -23.05 1.13
CA GLU A 160 -4.94 -23.96 0.14
C GLU A 160 -4.69 -25.36 0.69
N SER A 161 -4.02 -25.49 1.85
CA SER A 161 -3.58 -26.79 2.36
C SER A 161 -3.88 -27.06 3.84
N GLY A 162 -5.12 -26.87 4.26
CA GLY A 162 -5.54 -27.09 5.64
C GLY A 162 -6.67 -28.10 5.75
N SER A 163 -7.26 -28.22 6.96
CA SER A 163 -8.36 -29.15 7.21
C SER A 163 -9.62 -28.54 6.61
N GLU A 164 -10.63 -29.38 6.22
CA GLU A 164 -11.87 -28.90 5.61
C GLU A 164 -12.42 -27.69 6.37
N LEU A 165 -12.51 -27.82 7.68
CA LEU A 165 -13.01 -26.76 8.53
C LEU A 165 -12.05 -25.57 8.64
N SER A 166 -10.73 -25.75 8.95
CA SER A 166 -9.78 -24.62 9.04
C SER A 166 -9.71 -23.85 7.71
N LYS A 167 -9.93 -24.55 6.58
CA LYS A 167 -10.01 -23.94 5.28
C LYS A 167 -11.26 -23.03 5.28
N THR A 168 -12.43 -23.54 5.78
CA THR A 168 -13.70 -22.80 5.84
C THR A 168 -13.52 -21.55 6.66
N VAL A 169 -12.86 -21.68 7.80
CA VAL A 169 -12.59 -20.57 8.72
C VAL A 169 -11.63 -19.54 8.10
N ALA A 170 -10.52 -19.99 7.47
CA ALA A 170 -9.59 -19.06 6.86
C ALA A 170 -10.28 -18.32 5.70
N THR A 171 -11.06 -19.03 4.82
CA THR A 171 -11.84 -18.44 3.70
C THR A 171 -12.86 -17.40 4.24
N PHE A 172 -13.50 -17.72 5.37
CA PHE A 172 -14.44 -16.86 6.07
C PHE A 172 -13.76 -15.53 6.49
N ILE A 173 -12.50 -15.60 7.00
CA ILE A 173 -11.70 -14.43 7.38
C ILE A 173 -11.39 -13.60 6.13
N LEU A 174 -10.98 -14.26 5.02
CA LEU A 174 -10.72 -13.56 3.76
C LEU A 174 -12.02 -12.86 3.27
N GLN A 175 -13.16 -13.57 3.31
CA GLN A 175 -14.49 -13.08 2.94
C GLN A 175 -14.84 -11.81 3.70
N LYS A 176 -14.69 -11.83 5.03
CA LYS A 176 -15.03 -10.68 5.86
C LYS A 176 -14.15 -9.47 5.60
N ILE A 177 -12.92 -9.69 5.12
CA ILE A 177 -12.02 -8.59 4.72
C ILE A 177 -12.58 -8.04 3.40
N LEU A 178 -12.72 -8.92 2.37
CA LEU A 178 -13.25 -8.55 1.03
C LEU A 178 -14.57 -7.83 1.11
N LEU A 179 -15.43 -8.18 2.11
CA LEU A 179 -16.73 -7.53 2.29
C LEU A 179 -16.60 -6.05 2.66
N ASP A 180 -15.49 -5.68 3.32
CA ASP A 180 -15.24 -4.29 3.68
C ASP A 180 -14.74 -3.57 2.44
N ASP A 181 -15.20 -2.34 2.20
CA ASP A 181 -14.80 -1.55 1.03
C ASP A 181 -13.28 -1.39 0.96
N THR A 182 -12.62 -1.06 2.09
CA THR A 182 -11.17 -0.89 2.16
C THR A 182 -10.43 -2.22 1.87
N GLY A 183 -11.00 -3.32 2.39
CA GLY A 183 -10.50 -4.67 2.20
C GLY A 183 -10.49 -5.10 0.75
N LEU A 184 -11.62 -4.84 0.01
CA LEU A 184 -11.76 -5.17 -1.41
C LEU A 184 -10.78 -4.31 -2.21
N ALA A 185 -10.68 -3.01 -1.86
CA ALA A 185 -9.79 -2.04 -2.46
C ALA A 185 -8.34 -2.47 -2.31
N TYR A 186 -7.95 -2.96 -1.12
CA TYR A 186 -6.60 -3.43 -0.83
C TYR A 186 -6.22 -4.61 -1.70
N ILE A 187 -7.02 -5.72 -1.67
CA ILE A 187 -6.78 -6.95 -2.44
C ILE A 187 -6.74 -6.67 -3.96
N CYS A 188 -7.56 -5.72 -4.45
CA CYS A 188 -7.62 -5.36 -5.87
C CYS A 188 -6.65 -4.24 -6.29
N GLN A 189 -5.95 -3.58 -5.32
CA GLN A 189 -5.02 -2.46 -5.55
C GLN A 189 -3.93 -2.78 -6.57
N THR A 190 -3.30 -3.96 -6.44
CA THR A 190 -2.24 -4.43 -7.34
C THR A 190 -2.65 -5.75 -7.95
N TYR A 191 -2.10 -6.05 -9.16
CA TYR A 191 -2.35 -7.33 -9.84
C TYR A 191 -1.81 -8.46 -8.98
N GLU A 192 -0.58 -8.27 -8.42
CA GLU A 192 0.11 -9.20 -7.52
C GLU A 192 -0.84 -9.71 -6.41
N ARG A 193 -1.46 -8.78 -5.65
CA ARG A 193 -2.39 -9.09 -4.55
C ARG A 193 -3.59 -9.89 -5.01
N PHE A 194 -4.29 -9.39 -6.07
CA PHE A 194 -5.47 -10.05 -6.63
C PHE A 194 -5.14 -11.45 -7.14
N SER A 195 -4.10 -11.55 -8.02
CA SER A 195 -3.61 -12.78 -8.64
C SER A 195 -3.28 -13.84 -7.62
N HIS A 196 -2.70 -13.44 -6.46
CA HIS A 196 -2.37 -14.35 -5.36
C HIS A 196 -3.63 -14.96 -4.75
N VAL A 197 -4.65 -14.12 -4.49
CA VAL A 197 -5.97 -14.53 -3.95
C VAL A 197 -6.74 -15.41 -4.95
N ALA A 198 -6.94 -14.92 -6.19
CA ALA A 198 -7.66 -15.60 -7.25
C ALA A 198 -7.10 -16.99 -7.57
N MET A 199 -5.76 -17.13 -7.63
CA MET A 199 -5.06 -18.38 -7.89
C MET A 199 -5.41 -19.44 -6.82
N ILE A 200 -5.36 -19.06 -5.52
CA ILE A 200 -5.68 -19.92 -4.39
C ILE A 200 -7.14 -20.31 -4.44
N LEU A 201 -8.03 -19.31 -4.64
CA LEU A 201 -9.47 -19.51 -4.75
C LEU A 201 -9.82 -20.53 -5.87
N GLY A 202 -9.16 -20.39 -7.02
CA GLY A 202 -9.30 -21.28 -8.15
C GLY A 202 -8.85 -22.69 -7.83
N LYS A 203 -7.63 -22.81 -7.20
CA LYS A 203 -7.04 -24.07 -6.75
C LYS A 203 -8.04 -24.81 -5.87
N MET A 204 -8.71 -24.06 -4.98
CA MET A 204 -9.73 -24.55 -4.06
C MET A 204 -10.94 -25.11 -4.78
N VAL A 205 -11.43 -24.41 -5.83
CA VAL A 205 -12.56 -24.86 -6.66
C VAL A 205 -12.22 -26.26 -7.23
N LEU A 206 -10.96 -26.45 -7.68
CA LEU A 206 -10.48 -27.72 -8.22
C LEU A 206 -10.47 -28.86 -7.20
N GLN A 207 -10.05 -28.60 -5.94
CA GLN A 207 -10.06 -29.63 -4.89
C GLN A 207 -11.52 -29.93 -4.50
N LEU A 208 -12.38 -28.88 -4.46
CA LEU A 208 -13.80 -28.98 -4.14
C LEU A 208 -14.56 -29.80 -5.18
N SER A 209 -14.11 -29.75 -6.43
CA SER A 209 -14.76 -30.52 -7.50
C SER A 209 -14.46 -32.02 -7.34
N LYS A 210 -13.31 -32.36 -6.69
CA LYS A 210 -12.88 -33.73 -6.42
C LYS A 210 -13.51 -34.20 -5.10
N GLU A 211 -13.17 -33.53 -3.99
CA GLU A 211 -13.70 -33.79 -2.64
C GLU A 211 -14.61 -32.61 -2.26
N PRO A 212 -15.95 -32.74 -2.43
CA PRO A 212 -16.83 -31.60 -2.13
C PRO A 212 -17.07 -31.29 -0.66
N SER A 213 -17.32 -29.99 -0.39
CA SER A 213 -17.66 -29.42 0.89
C SER A 213 -18.62 -28.26 0.58
N ALA A 214 -19.92 -28.49 0.82
CA ALA A 214 -20.98 -27.52 0.56
C ALA A 214 -20.83 -26.24 1.36
N ARG A 215 -20.16 -26.30 2.56
CA ARG A 215 -19.93 -25.12 3.39
C ARG A 215 -18.68 -24.34 2.94
N LEU A 216 -17.59 -25.04 2.54
CA LEU A 216 -16.38 -24.37 2.05
C LEU A 216 -16.68 -23.69 0.70
N LEU A 217 -17.49 -24.34 -0.19
CA LEU A 217 -17.91 -23.79 -1.48
C LEU A 217 -18.73 -22.53 -1.30
N LYS A 218 -19.58 -22.49 -0.25
CA LYS A 218 -20.40 -21.31 0.10
C LYS A 218 -19.51 -20.08 0.31
N HIS A 219 -18.37 -20.23 1.03
CA HIS A 219 -17.44 -19.13 1.30
C HIS A 219 -16.57 -18.75 0.12
N VAL A 220 -16.12 -19.73 -0.70
CA VAL A 220 -15.31 -19.53 -1.91
C VAL A 220 -16.18 -18.75 -2.93
N VAL A 221 -17.47 -19.13 -3.06
CA VAL A 221 -18.42 -18.46 -3.97
C VAL A 221 -18.62 -17.00 -3.53
N ARG A 222 -18.88 -16.75 -2.22
CA ARG A 222 -19.05 -15.40 -1.65
C ARG A 222 -17.81 -14.53 -1.91
N CYS A 223 -16.59 -15.13 -1.84
CA CYS A 223 -15.30 -14.47 -2.09
C CYS A 223 -15.21 -14.03 -3.55
N TYR A 224 -15.50 -14.96 -4.48
CA TYR A 224 -15.50 -14.71 -5.91
C TYR A 224 -16.52 -13.63 -6.27
N LEU A 225 -17.75 -13.71 -5.70
CA LEU A 225 -18.84 -12.75 -5.92
C LEU A 225 -18.48 -11.35 -5.44
N ARG A 226 -17.80 -11.25 -4.29
CA ARG A 226 -17.39 -9.95 -3.75
C ARG A 226 -16.31 -9.31 -4.64
N LEU A 227 -15.40 -10.12 -5.18
CA LEU A 227 -14.34 -9.64 -6.07
C LEU A 227 -14.93 -9.08 -7.33
N SER A 228 -16.07 -9.63 -7.81
CA SER A 228 -16.75 -9.15 -9.02
C SER A 228 -17.32 -7.73 -8.86
N ASP A 229 -17.35 -7.20 -7.61
CA ASP A 229 -17.81 -5.83 -7.33
C ASP A 229 -16.76 -4.80 -7.78
N ASN A 230 -15.47 -5.19 -7.75
CA ASN A 230 -14.37 -4.33 -8.21
C ASN A 230 -14.25 -4.52 -9.71
N PRO A 231 -14.33 -3.43 -10.53
CA PRO A 231 -14.28 -3.61 -11.98
C PRO A 231 -12.98 -4.22 -12.49
N ARG A 232 -11.83 -3.83 -11.87
CA ARG A 232 -10.52 -4.33 -12.30
C ARG A 232 -10.43 -5.84 -12.05
N ALA A 233 -10.98 -6.33 -10.92
CA ALA A 233 -11.10 -7.74 -10.54
C ALA A 233 -12.13 -8.47 -11.43
N ARG A 234 -13.27 -7.80 -11.74
CA ARG A 234 -14.35 -8.32 -12.61
C ARG A 234 -13.80 -8.64 -14.01
N GLU A 235 -13.00 -7.73 -14.60
CA GLU A 235 -12.37 -7.91 -15.91
C GLU A 235 -11.32 -9.03 -15.87
N ALA A 236 -10.53 -9.09 -14.81
CA ALA A 236 -9.52 -10.14 -14.58
C ALA A 236 -10.19 -11.51 -14.44
N LEU A 237 -11.31 -11.54 -13.69
CA LEU A 237 -12.12 -12.75 -13.44
C LEU A 237 -12.81 -13.25 -14.69
N ARG A 238 -13.07 -12.36 -15.68
CA ARG A 238 -13.68 -12.78 -16.95
C ARG A 238 -12.76 -13.79 -17.67
N GLN A 239 -11.47 -13.81 -17.32
CA GLN A 239 -10.48 -14.71 -17.93
C GLN A 239 -10.09 -15.88 -17.02
N CYS A 240 -9.90 -15.61 -15.74
CA CYS A 240 -9.41 -16.61 -14.80
C CYS A 240 -10.49 -17.41 -14.01
N LEU A 241 -11.80 -17.07 -14.12
CA LEU A 241 -12.84 -17.79 -13.37
C LEU A 241 -12.85 -19.28 -13.71
N PRO A 242 -12.76 -20.17 -12.69
CA PRO A 242 -12.76 -21.62 -12.97
C PRO A 242 -13.97 -22.08 -13.76
N ASP A 243 -13.75 -22.95 -14.74
CA ASP A 243 -14.82 -23.47 -15.58
C ASP A 243 -15.82 -24.30 -14.77
N GLN A 244 -15.39 -24.87 -13.62
CA GLN A 244 -16.22 -25.66 -12.71
C GLN A 244 -17.35 -24.84 -12.06
N LEU A 245 -17.17 -23.50 -11.97
CA LEU A 245 -18.17 -22.59 -11.43
C LEU A 245 -19.16 -22.13 -12.53
N LYS A 246 -18.74 -22.21 -13.80
CA LYS A 246 -19.55 -21.82 -14.96
C LYS A 246 -20.47 -22.96 -15.44
N ASP A 247 -19.96 -24.22 -15.40
CA ASP A 247 -20.72 -25.40 -15.84
C ASP A 247 -21.52 -26.09 -14.71
N THR A 248 -22.01 -27.32 -14.95
CA THR A 248 -22.85 -28.15 -14.07
C THR A 248 -22.06 -29.03 -13.06
N THR A 249 -20.89 -28.57 -12.59
CA THR A 249 -20.06 -29.34 -11.66
C THR A 249 -20.71 -29.48 -10.27
N PHE A 250 -20.95 -28.33 -9.62
CA PHE A 250 -21.48 -28.25 -8.25
C PHE A 250 -23.00 -28.21 -8.18
N ALA A 251 -23.69 -28.32 -9.34
CA ALA A 251 -25.15 -28.30 -9.45
C ALA A 251 -25.84 -29.29 -8.50
N GLN A 252 -25.27 -30.51 -8.33
CA GLN A 252 -25.82 -31.53 -7.43
C GLN A 252 -25.70 -31.16 -5.95
N VAL A 253 -24.50 -30.73 -5.51
CA VAL A 253 -24.24 -30.37 -4.11
C VAL A 253 -25.00 -29.09 -3.71
N LEU A 254 -25.38 -28.25 -4.71
CA LEU A 254 -26.09 -27.01 -4.46
C LEU A 254 -27.60 -27.13 -4.72
N LYS A 255 -28.12 -28.38 -4.74
CA LYS A 255 -29.54 -28.66 -4.86
C LYS A 255 -30.20 -28.21 -3.54
N ASP A 256 -29.49 -28.43 -2.42
CA ASP A 256 -29.93 -28.09 -1.07
C ASP A 256 -29.66 -26.64 -0.69
N ASP A 257 -28.49 -26.08 -1.10
CA ASP A 257 -28.14 -24.69 -0.80
C ASP A 257 -28.66 -23.75 -1.88
N THR A 258 -29.82 -23.13 -1.61
CA THR A 258 -30.48 -22.19 -2.52
C THR A 258 -29.82 -20.79 -2.44
N THR A 259 -29.17 -20.46 -1.30
CA THR A 259 -28.46 -19.20 -1.10
C THR A 259 -27.17 -19.19 -1.95
N THR A 260 -26.33 -20.24 -1.87
CA THR A 260 -25.07 -20.38 -2.65
C THR A 260 -25.38 -20.42 -4.14
N LYS A 261 -26.51 -21.04 -4.50
CA LYS A 261 -27.06 -21.17 -5.85
C LYS A 261 -27.32 -19.76 -6.43
N ARG A 262 -27.82 -18.85 -5.57
CA ARG A 262 -28.19 -17.46 -5.85
C ARG A 262 -26.93 -16.63 -6.05
N TRP A 263 -25.94 -16.82 -5.19
CA TRP A 263 -24.67 -16.10 -5.27
C TRP A 263 -23.97 -16.39 -6.60
N LEU A 264 -23.83 -17.68 -6.96
CA LEU A 264 -23.19 -18.12 -8.19
C LEU A 264 -23.95 -17.63 -9.42
N ALA A 265 -25.30 -17.52 -9.33
CA ALA A 265 -26.15 -17.00 -10.39
C ALA A 265 -25.89 -15.50 -10.59
N GLN A 266 -25.63 -14.77 -9.49
CA GLN A 266 -25.33 -13.34 -9.49
C GLN A 266 -23.92 -13.09 -10.04
N LEU A 267 -22.94 -13.94 -9.64
CA LEU A 267 -21.54 -13.85 -10.09
C LEU A 267 -21.41 -13.95 -11.61
N VAL A 268 -22.05 -14.98 -12.22
CA VAL A 268 -22.02 -15.21 -13.67
C VAL A 268 -22.66 -14.02 -14.41
N LYS A 269 -23.75 -13.45 -13.85
CA LYS A 269 -24.45 -12.29 -14.39
C LYS A 269 -23.59 -11.04 -14.29
N ASN A 270 -22.85 -10.90 -13.18
CA ASN A 270 -21.93 -9.78 -12.93
C ASN A 270 -20.75 -9.79 -13.91
N LEU A 271 -20.29 -11.00 -14.28
CA LEU A 271 -19.16 -11.21 -15.18
C LEU A 271 -19.52 -11.02 -16.65
N GLN A 272 -20.80 -11.32 -17.04
CA GLN A 272 -21.33 -11.16 -18.42
C GLN A 272 -20.94 -9.76 -18.88
N GLU A 273 -21.49 -8.70 -18.22
CA GLU A 273 -21.20 -7.27 -18.42
C GLU A 273 -21.36 -6.52 -17.07
N ASP B 1 -6.13 -38.57 27.42
CA ASP B 1 -5.61 -37.26 27.05
C ASP B 1 -5.64 -37.05 25.52
N ASP B 2 -5.14 -38.03 24.73
CA ASP B 2 -5.15 -38.00 23.26
C ASP B 2 -6.59 -38.21 22.77
N GLN B 3 -7.38 -38.96 23.58
CA GLN B 3 -8.81 -39.28 23.39
C GLN B 3 -9.63 -38.02 23.65
N GLN B 4 -9.18 -37.21 24.65
CA GLN B 4 -9.76 -35.93 25.02
C GLN B 4 -9.41 -34.87 23.95
N LEU B 5 -8.20 -34.96 23.32
CA LEU B 5 -7.76 -34.06 22.26
C LEU B 5 -8.71 -34.15 21.08
N ASP B 6 -9.03 -35.39 20.65
CA ASP B 6 -9.95 -35.66 19.53
C ASP B 6 -11.35 -35.11 19.83
N HIS B 7 -11.77 -35.19 21.10
CA HIS B 7 -13.06 -34.68 21.56
C HIS B 7 -13.07 -33.15 21.50
N ASN B 8 -12.08 -32.51 22.13
CA ASN B 8 -11.94 -31.06 22.18
C ASN B 8 -11.81 -30.44 20.80
N PHE B 9 -11.20 -31.19 19.84
CA PHE B 9 -11.05 -30.80 18.44
C PHE B 9 -12.42 -30.76 17.79
N LYS B 10 -13.20 -31.87 17.96
CA LYS B 10 -14.57 -32.09 17.46
C LYS B 10 -15.52 -31.01 17.98
N GLN B 11 -15.30 -30.59 19.25
CA GLN B 11 -16.07 -29.55 19.92
C GLN B 11 -15.77 -28.19 19.27
N MET B 12 -14.47 -27.88 19.02
CA MET B 12 -14.01 -26.65 18.36
C MET B 12 -14.52 -26.61 16.93
N GLU B 13 -14.53 -27.78 16.26
CA GLU B 13 -15.03 -27.94 14.91
C GLU B 13 -16.47 -27.46 14.86
N GLU B 14 -17.34 -28.07 15.70
CA GLU B 14 -18.76 -27.75 15.82
C GLU B 14 -18.98 -26.28 16.18
N HIS B 15 -18.14 -25.75 17.09
CA HIS B 15 -18.20 -24.35 17.54
C HIS B 15 -17.95 -23.37 16.40
N LEU B 16 -16.85 -23.58 15.65
CA LEU B 16 -16.46 -22.72 14.53
C LEU B 16 -17.38 -22.88 13.36
N ALA B 17 -18.00 -24.08 13.22
CA ALA B 17 -18.97 -24.43 12.17
C ALA B 17 -20.19 -23.52 12.22
N LEU B 18 -20.60 -23.16 13.45
CA LEU B 18 -21.73 -22.28 13.70
C LEU B 18 -21.34 -20.82 13.56
N MET B 19 -20.05 -20.51 13.79
CA MET B 19 -19.50 -19.16 13.71
C MET B 19 -19.48 -18.65 12.25
N VAL B 20 -19.01 -19.48 11.30
CA VAL B 20 -18.90 -19.14 9.89
C VAL B 20 -20.29 -19.03 9.20
N GLU B 21 -21.32 -19.71 9.77
CA GLU B 21 -22.70 -19.73 9.27
C GLU B 21 -23.38 -18.35 9.29
N GLY B 22 -23.89 -17.96 8.11
CA GLY B 22 -24.58 -16.70 7.90
C GLY B 22 -25.62 -16.76 6.81
N GLU C 6 16.20 14.09 5.77
CA GLU C 6 16.60 13.18 6.82
C GLU C 6 15.40 12.46 7.41
N ARG C 7 14.30 13.22 7.62
CA ARG C 7 13.04 12.68 8.15
C ARG C 7 12.33 11.78 7.11
N GLU C 8 12.58 12.05 5.81
CA GLU C 8 12.04 11.25 4.70
C GLU C 8 12.73 9.88 4.65
N LYS C 9 14.05 9.82 4.98
CA LYS C 9 14.88 8.61 5.03
C LYS C 9 14.42 7.68 6.15
N ILE C 10 14.05 8.25 7.33
CA ILE C 10 13.51 7.53 8.50
C ILE C 10 12.16 6.88 8.13
N TYR C 11 11.26 7.67 7.51
CA TYR C 11 9.95 7.26 7.00
C TYR C 11 10.08 6.03 6.08
N GLN C 12 11.08 6.09 5.14
CA GLN C 12 11.41 5.08 4.14
C GLN C 12 11.77 3.76 4.82
N TRP C 13 12.65 3.83 5.85
CA TRP C 13 13.08 2.68 6.64
C TRP C 13 11.92 2.06 7.42
N ILE C 14 10.96 2.89 7.92
CA ILE C 14 9.76 2.41 8.63
C ILE C 14 8.89 1.54 7.68
N ASN C 15 8.71 1.93 6.38
CA ASN C 15 7.92 1.11 5.43
C ASN C 15 8.76 -0.03 4.76
N GLU C 16 10.10 0.11 4.80
CA GLU C 16 11.02 -0.92 4.34
C GLU C 16 10.94 -2.11 5.31
N LEU C 17 10.60 -1.86 6.63
CA LEU C 17 10.45 -2.91 7.67
C LEU C 17 9.37 -3.90 7.32
N SER C 18 8.33 -3.45 6.60
CA SER C 18 7.19 -4.28 6.21
C SER C 18 7.56 -5.43 5.26
N SER C 19 8.40 -5.19 4.23
CA SER C 19 8.85 -6.25 3.32
C SER C 19 10.14 -6.91 3.84
N PRO C 20 10.23 -8.27 3.95
CA PRO C 20 11.46 -8.90 4.48
C PRO C 20 12.72 -8.62 3.67
N GLU C 21 12.57 -8.31 2.37
CA GLU C 21 13.64 -7.98 1.41
C GLU C 21 14.48 -6.77 1.87
N THR C 22 13.88 -5.78 2.59
CA THR C 22 14.55 -4.56 3.07
C THR C 22 14.57 -4.42 4.62
N ARG C 23 13.82 -5.28 5.34
CA ARG C 23 13.67 -5.27 6.79
C ARG C 23 14.98 -5.24 7.58
N GLU C 24 15.97 -6.10 7.19
CA GLU C 24 17.27 -6.23 7.86
C GLU C 24 18.06 -4.92 7.95
N ASN C 25 18.23 -4.23 6.80
CA ASN C 25 18.95 -2.98 6.73
C ASN C 25 18.21 -1.86 7.46
N ALA C 26 16.85 -1.85 7.40
CA ALA C 26 16.01 -0.86 8.09
C ALA C 26 16.17 -0.98 9.61
N LEU C 27 16.32 -2.23 10.16
CA LEU C 27 16.53 -2.50 11.61
C LEU C 27 17.87 -1.92 12.05
N LEU C 28 18.91 -2.10 11.21
CA LEU C 28 20.24 -1.59 11.49
C LEU C 28 20.28 -0.04 11.43
N GLU C 29 19.48 0.53 10.51
CA GLU C 29 19.37 1.99 10.29
C GLU C 29 18.49 2.68 11.31
N LEU C 30 17.42 2.02 11.77
CA LEU C 30 16.55 2.67 12.72
C LEU C 30 17.10 2.56 14.12
N SER C 31 17.79 1.46 14.47
CA SER C 31 18.41 1.35 15.80
C SER C 31 19.58 2.35 15.93
N LYS C 32 20.19 2.74 14.80
CA LYS C 32 21.25 3.74 14.83
C LYS C 32 20.61 5.15 15.00
N LYS C 33 19.36 5.28 14.51
CA LYS C 33 18.57 6.50 14.59
C LYS C 33 17.82 6.61 15.92
N ARG C 34 17.69 5.48 16.66
CA ARG C 34 16.96 5.39 17.94
C ARG C 34 17.35 6.46 18.95
N GLU C 35 18.61 6.94 18.89
CA GLU C 35 19.06 7.96 19.82
C GLU C 35 19.00 9.37 19.23
N SER C 36 19.25 9.51 17.91
CA SER C 36 19.23 10.79 17.20
C SER C 36 17.81 11.29 16.85
N VAL C 37 16.81 10.37 16.88
CA VAL C 37 15.39 10.66 16.59
C VAL C 37 14.62 10.57 17.93
N PRO C 38 14.08 11.70 18.43
CA PRO C 38 13.37 11.64 19.72
C PRO C 38 11.98 11.01 19.62
N ASP C 39 11.19 11.43 18.60
CA ASP C 39 9.84 10.94 18.34
C ASP C 39 9.81 9.65 17.48
N LEU C 40 10.89 8.84 17.52
CA LEU C 40 10.96 7.57 16.77
C LEU C 40 9.92 6.54 17.27
N ALA C 41 9.71 6.44 18.59
CA ALA C 41 8.73 5.52 19.18
C ALA C 41 7.30 5.73 18.66
N PRO C 42 6.61 6.90 18.79
CA PRO C 42 5.26 7.01 18.17
C PRO C 42 5.21 6.75 16.65
N MET C 43 6.33 6.98 15.93
CA MET C 43 6.46 6.76 14.48
C MET C 43 6.44 5.27 14.10
N LEU C 44 7.13 4.40 14.91
CA LEU C 44 7.23 2.92 14.76
C LEU C 44 6.01 2.20 15.36
N TRP C 45 5.18 2.96 16.04
CA TRP C 45 3.98 2.46 16.66
C TRP C 45 2.74 2.85 15.85
N HIS C 46 2.74 4.04 15.18
CA HIS C 46 1.59 4.59 14.43
C HIS C 46 0.89 3.56 13.53
N SER C 47 1.65 2.62 12.94
CA SER C 47 1.08 1.56 12.10
C SER C 47 1.27 0.20 12.75
N PHE C 48 0.24 -0.67 12.69
CA PHE C 48 0.28 -2.03 13.25
C PHE C 48 1.28 -2.92 12.49
N GLY C 49 1.48 -2.61 11.20
CA GLY C 49 2.42 -3.29 10.30
C GLY C 49 3.87 -3.22 10.71
N THR C 50 4.28 -2.07 11.33
CA THR C 50 5.64 -1.77 11.83
C THR C 50 5.93 -2.51 13.16
N ILE C 51 4.91 -2.68 14.02
CA ILE C 51 5.09 -3.43 15.26
C ILE C 51 5.13 -4.94 14.93
N ALA C 52 4.22 -5.40 14.01
CA ALA C 52 4.11 -6.78 13.54
C ALA C 52 5.41 -7.30 12.95
N ALA C 53 6.08 -6.46 12.15
CA ALA C 53 7.37 -6.76 11.53
C ALA C 53 8.46 -6.95 12.61
N LEU C 54 8.41 -6.16 13.70
CA LEU C 54 9.39 -6.24 14.80
C LEU C 54 9.16 -7.45 15.65
N LEU C 55 7.91 -7.96 15.73
CA LEU C 55 7.62 -9.19 16.50
C LEU C 55 7.88 -10.37 15.61
N GLN C 56 7.81 -10.17 14.28
CA GLN C 56 8.11 -11.25 13.34
C GLN C 56 9.58 -11.58 13.51
N GLU C 57 10.43 -10.56 13.60
CA GLU C 57 11.87 -10.73 13.83
C GLU C 57 12.16 -11.48 15.12
N ILE C 58 11.32 -11.26 16.12
CA ILE C 58 11.37 -11.90 17.43
C ILE C 58 11.05 -13.37 17.21
N VAL C 59 9.80 -13.67 16.81
CA VAL C 59 9.24 -15.01 16.69
C VAL C 59 10.02 -15.93 15.72
N ASN C 60 10.68 -15.36 14.70
CA ASN C 60 11.49 -16.09 13.72
C ASN C 60 12.73 -16.75 14.38
N ILE C 61 13.24 -16.14 15.46
CA ILE C 61 14.41 -16.57 16.21
C ILE C 61 14.07 -17.60 17.29
N TYR C 62 12.76 -17.82 17.60
CA TYR C 62 12.29 -18.82 18.59
C TYR C 62 12.82 -20.25 18.30
N PRO C 63 12.85 -20.78 17.04
CA PRO C 63 13.46 -22.10 16.79
C PRO C 63 14.98 -22.17 17.03
N SER C 64 15.67 -21.00 17.08
CA SER C 64 17.11 -20.78 17.30
C SER C 64 17.46 -20.56 18.77
N ILE C 65 16.43 -20.65 19.62
CA ILE C 65 16.51 -20.45 21.07
C ILE C 65 16.66 -21.81 21.75
N ASN C 66 15.81 -22.77 21.35
CA ASN C 66 15.82 -24.14 21.82
C ASN C 66 15.52 -25.05 20.64
N PRO C 67 16.52 -25.83 20.16
CA PRO C 67 17.90 -25.96 20.68
C PRO C 67 18.72 -24.69 20.44
N PRO C 68 19.64 -24.32 21.37
CA PRO C 68 20.38 -23.05 21.24
C PRO C 68 21.25 -22.88 19.98
N THR C 69 20.57 -22.38 18.91
CA THR C 69 21.07 -22.08 17.55
C THR C 69 21.73 -20.69 17.44
N LEU C 70 20.97 -19.63 17.80
CA LEU C 70 21.32 -18.22 17.71
C LEU C 70 22.84 -17.93 17.41
N THR C 71 23.11 -17.64 16.12
CA THR C 71 24.40 -17.27 15.53
C THR C 71 24.62 -15.76 15.79
N ALA C 72 25.87 -15.24 15.59
CA ALA C 72 26.28 -13.83 15.75
C ALA C 72 25.42 -12.87 14.89
N HIS C 73 25.15 -13.26 13.64
CA HIS C 73 24.31 -12.53 12.70
C HIS C 73 22.85 -12.54 13.20
N GLN C 74 22.32 -13.72 13.58
CA GLN C 74 20.97 -13.90 14.10
C GLN C 74 20.73 -13.01 15.32
N SER C 75 21.74 -12.98 16.25
CA SER C 75 21.76 -12.17 17.49
C SER C 75 21.76 -10.65 17.17
N ASN C 76 22.61 -10.24 16.22
CA ASN C 76 22.72 -8.85 15.80
C ASN C 76 21.40 -8.34 15.26
N ARG C 77 20.81 -9.09 14.31
CA ARG C 77 19.53 -8.80 13.67
C ARG C 77 18.40 -8.66 14.68
N VAL C 78 18.22 -9.63 15.57
CA VAL C 78 17.08 -9.56 16.51
C VAL C 78 17.33 -8.52 17.67
N CYS C 79 18.62 -8.21 17.99
CA CYS C 79 18.92 -7.26 19.06
C CYS C 79 18.69 -5.82 18.65
N ASN C 80 18.78 -5.56 17.32
CA ASN C 80 18.46 -4.29 16.64
C ASN C 80 16.94 -4.17 16.58
N ALA C 81 16.21 -5.30 16.58
CA ALA C 81 14.75 -5.27 16.64
C ALA C 81 14.39 -4.93 18.10
N LEU C 82 15.02 -5.61 19.09
CA LEU C 82 14.82 -5.37 20.53
C LEU C 82 15.24 -3.96 20.97
N ALA C 83 16.27 -3.39 20.25
CA ALA C 83 16.82 -2.04 20.40
C ALA C 83 15.72 -1.04 20.13
N LEU C 84 14.88 -1.36 19.12
CA LEU C 84 13.74 -0.56 18.72
C LEU C 84 12.56 -0.72 19.67
N LEU C 85 12.40 -1.90 20.32
CA LEU C 85 11.34 -2.12 21.32
C LEU C 85 11.68 -1.44 22.62
N GLN C 86 13.00 -1.36 22.93
CA GLN C 86 13.59 -0.72 24.10
C GLN C 86 13.21 0.76 24.02
N CYS C 87 13.33 1.37 22.80
CA CYS C 87 12.98 2.77 22.59
C CYS C 87 11.46 3.01 22.65
N VAL C 88 10.68 1.99 22.27
CA VAL C 88 9.21 2.06 22.32
C VAL C 88 8.78 1.98 23.82
N ALA C 89 9.48 1.14 24.61
CA ALA C 89 9.27 0.99 26.05
C ALA C 89 9.61 2.29 26.82
N SER C 90 10.69 3.02 26.39
CA SER C 90 11.18 4.27 26.99
C SER C 90 10.23 5.46 26.83
N HIS C 91 9.70 5.67 25.63
CA HIS C 91 8.86 6.81 25.27
C HIS C 91 7.52 6.91 26.03
N PRO C 92 7.18 8.10 26.58
CA PRO C 92 5.90 8.24 27.33
C PRO C 92 4.63 8.00 26.51
N GLU C 93 4.65 8.34 25.20
CA GLU C 93 3.53 8.18 24.27
C GLU C 93 3.23 6.72 23.93
N THR C 94 4.26 5.86 23.93
CA THR C 94 4.08 4.47 23.56
C THR C 94 4.13 3.49 24.73
N ARG C 95 4.84 3.80 25.87
CA ARG C 95 4.99 2.90 27.04
C ARG C 95 3.66 2.29 27.54
N SER C 96 2.61 3.11 27.73
CA SER C 96 1.32 2.61 28.16
C SER C 96 0.75 1.64 27.15
N ALA C 97 0.81 1.98 25.83
CA ALA C 97 0.34 1.16 24.70
C ALA C 97 1.14 -0.15 24.56
N PHE C 98 2.48 -0.08 24.70
CA PHE C 98 3.42 -1.19 24.66
C PHE C 98 3.10 -2.19 25.78
N LEU C 99 2.88 -1.69 27.02
CA LEU C 99 2.52 -2.48 28.20
C LEU C 99 1.16 -3.15 28.00
N ALA C 100 0.14 -2.36 27.58
CA ALA C 100 -1.22 -2.83 27.32
C ALA C 100 -1.23 -3.90 26.24
N ALA C 101 -0.27 -3.84 25.31
CA ALA C 101 -0.10 -4.80 24.22
C ALA C 101 0.71 -6.03 24.65
N HIS C 102 1.12 -6.07 25.95
CA HIS C 102 1.88 -7.15 26.60
C HIS C 102 3.18 -7.56 25.85
N ILE C 103 3.73 -6.65 25.02
CA ILE C 103 4.98 -6.86 24.25
C ILE C 103 6.10 -7.53 25.10
N PRO C 104 6.37 -7.14 26.40
CA PRO C 104 7.42 -7.84 27.18
C PRO C 104 7.34 -9.37 27.17
N LEU C 105 6.12 -9.93 27.09
CA LEU C 105 5.90 -11.38 27.07
C LEU C 105 6.64 -12.10 25.91
N PHE C 106 6.90 -11.40 24.78
CA PHE C 106 7.65 -11.95 23.63
C PHE C 106 9.15 -12.11 23.92
N LEU C 107 9.64 -11.38 24.92
CA LEU C 107 11.04 -11.36 25.35
C LEU C 107 11.31 -12.42 26.37
N TYR C 108 10.22 -12.87 27.05
CA TYR C 108 10.27 -13.87 28.13
C TYR C 108 10.97 -15.17 27.65
N PRO C 109 10.76 -15.65 26.38
CA PRO C 109 11.53 -16.83 25.92
C PRO C 109 13.05 -16.58 25.87
N PHE C 110 13.46 -15.35 25.49
CA PHE C 110 14.87 -14.93 25.42
C PHE C 110 15.52 -14.96 26.81
N LEU C 111 14.78 -14.51 27.84
CA LEU C 111 15.17 -14.50 29.24
C LEU C 111 15.18 -15.92 29.87
N HIS C 112 14.57 -16.92 29.19
CA HIS C 112 14.54 -18.32 29.62
C HIS C 112 15.87 -19.01 29.27
N THR C 113 16.59 -18.48 28.24
CA THR C 113 17.86 -19.05 27.74
C THR C 113 18.94 -19.09 28.79
N VAL C 114 19.78 -20.13 28.71
CA VAL C 114 20.87 -20.33 29.64
C VAL C 114 22.23 -20.34 28.93
N SER C 115 22.26 -20.63 27.59
CA SER C 115 23.48 -20.68 26.79
C SER C 115 24.35 -19.45 27.05
N LYS C 116 25.60 -19.68 27.45
CA LYS C 116 26.51 -18.61 27.81
C LYS C 116 27.34 -18.08 26.61
N THR C 117 26.91 -18.40 25.36
CA THR C 117 27.57 -17.90 24.14
C THR C 117 27.25 -16.42 24.00
N ARG C 118 28.14 -15.64 23.34
CA ARG C 118 27.91 -14.20 23.16
C ARG C 118 26.59 -13.87 22.42
N PRO C 119 26.18 -14.56 21.33
CA PRO C 119 24.89 -14.25 20.72
C PRO C 119 23.74 -14.26 21.72
N PHE C 120 23.79 -15.24 22.64
CA PHE C 120 22.81 -15.41 23.71
C PHE C 120 22.96 -14.28 24.73
N GLU C 121 24.21 -14.07 25.24
CA GLU C 121 24.56 -13.02 26.20
C GLU C 121 23.91 -11.71 25.77
N TYR C 122 24.18 -11.27 24.51
CA TYR C 122 23.67 -10.05 23.90
C TYR C 122 22.15 -10.05 23.86
N LEU C 123 21.54 -11.21 23.45
CA LEU C 123 20.09 -11.38 23.37
C LEU C 123 19.42 -11.14 24.73
N ARG C 124 19.92 -11.81 25.81
CA ARG C 124 19.33 -11.64 27.14
C ARG C 124 19.52 -10.23 27.70
N LEU C 125 20.74 -9.67 27.54
CA LEU C 125 21.14 -8.33 27.99
C LEU C 125 20.26 -7.24 27.38
N THR C 126 20.00 -7.34 26.05
CA THR C 126 19.15 -6.40 25.31
C THR C 126 17.71 -6.54 25.76
N SER C 127 17.24 -7.79 25.98
CA SER C 127 15.91 -8.10 26.49
C SER C 127 15.75 -7.51 27.90
N LEU C 128 16.81 -7.61 28.76
CA LEU C 128 16.88 -7.06 30.12
C LEU C 128 16.80 -5.52 30.09
N GLY C 129 17.40 -4.93 29.04
CA GLY C 129 17.40 -3.49 28.77
C GLY C 129 16.01 -2.94 28.52
N VAL C 130 15.13 -3.77 27.91
CA VAL C 130 13.74 -3.40 27.63
C VAL C 130 12.98 -3.32 28.98
N ILE C 131 13.16 -4.36 29.88
CA ILE C 131 12.54 -4.42 31.22
C ILE C 131 13.09 -3.34 32.15
N GLY C 132 14.41 -3.14 32.15
CA GLY C 132 15.07 -2.15 32.98
C GLY C 132 14.62 -0.73 32.70
N ALA C 133 14.38 -0.41 31.40
CA ALA C 133 13.89 0.89 30.93
C ALA C 133 12.44 1.13 31.38
N LEU C 134 11.61 0.04 31.45
CA LEU C 134 10.23 0.12 31.92
C LEU C 134 10.22 0.31 33.44
N VAL C 135 11.14 -0.36 34.19
CA VAL C 135 11.18 -0.22 35.66
C VAL C 135 11.75 1.14 36.04
N LYS C 136 12.65 1.69 35.18
CA LYS C 136 13.35 2.97 35.30
C LYS C 136 12.42 4.13 35.68
N THR C 137 11.32 4.33 34.91
CA THR C 137 10.33 5.41 35.11
C THR C 137 9.59 5.37 36.46
N ASP C 138 9.50 4.17 37.11
CA ASP C 138 8.81 3.97 38.40
C ASP C 138 7.28 4.13 38.24
N GLU C 139 6.79 3.91 36.99
CA GLU C 139 5.38 3.99 36.55
C GLU C 139 4.57 2.82 37.22
N GLN C 140 3.37 3.11 37.80
CA GLN C 140 2.54 2.11 38.51
C GLN C 140 1.82 1.10 37.58
N GLU C 141 1.85 1.37 36.26
CA GLU C 141 1.36 0.51 35.16
C GLU C 141 2.51 -0.49 34.77
N VAL C 142 3.63 -0.51 35.55
CA VAL C 142 4.77 -1.36 35.23
C VAL C 142 4.94 -2.48 36.27
N ILE C 143 5.01 -2.15 37.59
CA ILE C 143 5.17 -3.12 38.69
C ILE C 143 4.05 -4.17 38.71
N ASN C 144 2.79 -3.69 38.68
CA ASN C 144 1.60 -4.54 38.69
C ASN C 144 1.54 -5.42 37.45
N PHE C 145 2.04 -4.92 36.29
CA PHE C 145 2.12 -5.72 35.07
C PHE C 145 3.12 -6.86 35.36
N LEU C 146 4.38 -6.51 35.73
CA LEU C 146 5.48 -7.42 36.03
C LEU C 146 5.15 -8.48 37.05
N LEU C 147 4.33 -8.16 38.05
CA LEU C 147 3.91 -9.13 39.09
C LEU C 147 2.96 -10.22 38.52
N THR C 148 2.07 -9.83 37.62
CA THR C 148 1.14 -10.75 36.97
C THR C 148 1.75 -11.55 35.80
N THR C 149 2.93 -11.14 35.34
CA THR C 149 3.58 -11.77 34.18
C THR C 149 4.60 -12.84 34.49
N GLU C 150 4.97 -13.05 35.74
CA GLU C 150 5.98 -14.05 36.10
C GLU C 150 7.41 -13.66 35.65
N ILE C 151 7.82 -12.41 35.92
CA ILE C 151 9.17 -11.96 35.61
C ILE C 151 10.14 -12.37 36.75
N ILE C 152 9.67 -12.33 38.01
CA ILE C 152 10.47 -12.70 39.19
C ILE C 152 11.18 -14.08 38.97
N PRO C 153 10.53 -15.20 38.52
CA PRO C 153 11.32 -16.43 38.26
C PRO C 153 12.47 -16.25 37.26
N LEU C 154 12.24 -15.53 36.12
CA LEU C 154 13.29 -15.25 35.11
C LEU C 154 14.38 -14.37 35.70
N CYS C 155 14.01 -13.42 36.58
CA CYS C 155 14.95 -12.53 37.25
C CYS C 155 15.84 -13.34 38.18
N LEU C 156 15.25 -14.26 38.98
CA LEU C 156 15.96 -15.12 39.93
C LEU C 156 16.93 -16.12 39.29
N ARG C 157 16.59 -16.59 38.09
CA ARG C 157 17.39 -17.54 37.34
C ARG C 157 18.64 -16.92 36.75
N ILE C 158 18.51 -15.69 36.18
CA ILE C 158 19.63 -14.92 35.62
C ILE C 158 20.53 -14.51 36.80
N MET C 159 19.89 -14.06 37.90
CA MET C 159 20.54 -13.62 39.11
C MET C 159 21.49 -14.70 39.62
N GLU C 160 21.07 -15.98 39.58
CA GLU C 160 21.83 -17.14 40.03
C GLU C 160 22.96 -17.53 39.06
N SER C 161 22.63 -17.65 37.76
CA SER C 161 23.53 -18.17 36.76
C SER C 161 23.68 -17.34 35.47
N GLY C 162 24.00 -16.07 35.63
CA GLY C 162 24.19 -15.18 34.49
C GLY C 162 25.55 -14.51 34.53
N SER C 163 25.75 -13.53 33.63
CA SER C 163 27.00 -12.75 33.56
C SER C 163 26.96 -11.75 34.72
N GLU C 164 28.12 -11.26 35.21
CA GLU C 164 28.19 -10.28 36.30
C GLU C 164 27.18 -9.15 36.06
N LEU C 165 27.16 -8.58 34.83
CA LEU C 165 26.24 -7.52 34.46
C LEU C 165 24.79 -7.98 34.40
N SER C 166 24.48 -9.11 33.66
CA SER C 166 23.11 -9.64 33.56
C SER C 166 22.52 -9.96 34.94
N LYS C 167 23.38 -10.47 35.88
CA LYS C 167 23.07 -10.76 37.28
C LYS C 167 22.68 -9.45 37.98
N THR C 168 23.51 -8.38 37.84
CA THR C 168 23.28 -7.05 38.41
C THR C 168 22.01 -6.36 37.85
N VAL C 169 21.77 -6.48 36.53
CA VAL C 169 20.62 -5.88 35.86
C VAL C 169 19.32 -6.61 36.25
N ALA C 170 19.40 -7.94 36.47
CA ALA C 170 18.24 -8.72 36.94
C ALA C 170 17.99 -8.39 38.40
N THR C 171 19.08 -8.19 39.22
CA THR C 171 18.97 -7.82 40.64
C THR C 171 18.33 -6.44 40.75
N PHE C 172 18.72 -5.50 39.86
CA PHE C 172 18.17 -4.15 39.78
C PHE C 172 16.65 -4.18 39.53
N ILE C 173 16.18 -5.06 38.59
CA ILE C 173 14.76 -5.24 38.27
C ILE C 173 14.03 -5.80 39.51
N LEU C 174 14.64 -6.77 40.23
CA LEU C 174 14.06 -7.34 41.45
C LEU C 174 13.94 -6.27 42.51
N GLN C 175 15.04 -5.49 42.72
CA GLN C 175 15.15 -4.37 43.67
C GLN C 175 14.04 -3.36 43.41
N LYS C 176 13.92 -2.89 42.15
CA LYS C 176 12.89 -1.95 41.72
C LYS C 176 11.44 -2.52 41.90
N ILE C 177 11.27 -3.89 41.95
CA ILE C 177 9.98 -4.54 42.24
C ILE C 177 9.83 -4.44 43.77
N LEU C 178 10.86 -4.90 44.51
CA LEU C 178 10.90 -4.88 45.97
C LEU C 178 10.65 -3.50 46.57
N LEU C 179 11.15 -2.40 45.91
CA LEU C 179 10.98 -1.01 46.37
C LEU C 179 9.52 -0.55 46.37
N ASP C 180 8.69 -1.13 45.49
CA ASP C 180 7.26 -0.85 45.44
C ASP C 180 6.61 -1.61 46.59
N ASP C 181 5.67 -0.97 47.29
CA ASP C 181 4.97 -1.58 48.42
C ASP C 181 4.30 -2.90 48.03
N THR C 182 3.60 -2.91 46.87
CA THR C 182 2.90 -4.10 46.36
C THR C 182 3.89 -5.20 45.99
N GLY C 183 5.05 -4.81 45.44
CA GLY C 183 6.13 -5.71 45.07
C GLY C 183 6.73 -6.45 46.26
N LEU C 184 6.99 -5.71 47.36
CA LEU C 184 7.54 -6.26 48.61
C LEU C 184 6.51 -7.21 49.21
N ALA C 185 5.23 -6.80 49.19
CA ALA C 185 4.09 -7.56 49.69
C ALA C 185 3.93 -8.88 48.92
N TYR C 186 4.09 -8.85 47.60
CA TYR C 186 4.00 -10.04 46.74
C TYR C 186 5.08 -11.08 47.08
N ILE C 187 6.38 -10.68 47.05
CA ILE C 187 7.52 -11.59 47.35
C ILE C 187 7.44 -12.17 48.78
N CYS C 188 6.92 -11.37 49.74
CA CYS C 188 6.78 -11.80 51.14
C CYS C 188 5.45 -12.50 51.46
N GLN C 189 4.49 -12.52 50.50
CA GLN C 189 3.15 -13.11 50.67
C GLN C 189 3.16 -14.56 51.16
N THR C 190 3.99 -15.41 50.53
CA THR C 190 4.13 -16.82 50.89
C THR C 190 5.57 -17.09 51.26
N TYR C 191 5.79 -18.13 52.10
CA TYR C 191 7.14 -18.54 52.52
C TYR C 191 7.89 -19.00 51.28
N GLU C 192 7.21 -19.79 50.39
CA GLU C 192 7.75 -20.29 49.12
C GLU C 192 8.43 -19.19 48.30
N ARG C 193 7.70 -18.07 48.04
CA ARG C 193 8.18 -16.90 47.28
C ARG C 193 9.42 -16.27 47.93
N PHE C 194 9.33 -15.94 49.23
CA PHE C 194 10.42 -15.34 50.00
C PHE C 194 11.66 -16.26 50.03
N SER C 195 11.47 -17.53 50.46
CA SER C 195 12.50 -18.57 50.57
C SER C 195 13.26 -18.75 49.26
N HIS C 196 12.54 -18.68 48.12
CA HIS C 196 13.14 -18.79 46.79
C HIS C 196 14.08 -17.61 46.53
N VAL C 197 13.65 -16.37 46.86
CA VAL C 197 14.42 -15.13 46.71
C VAL C 197 15.65 -15.12 47.64
N ALA C 198 15.43 -15.37 48.95
CA ALA C 198 16.44 -15.40 50.03
C ALA C 198 17.56 -16.43 49.85
N MET C 199 17.23 -17.58 49.23
CA MET C 199 18.16 -18.66 48.91
C MET C 199 19.10 -18.23 47.76
N ILE C 200 18.53 -17.66 46.67
CA ILE C 200 19.27 -17.17 45.51
C ILE C 200 20.15 -15.99 45.94
N LEU C 201 19.56 -15.03 46.70
CA LEU C 201 20.26 -13.86 47.22
C LEU C 201 21.49 -14.30 48.02
N GLY C 202 21.35 -15.35 48.83
CA GLY C 202 22.39 -15.97 49.63
C GLY C 202 23.46 -16.65 48.77
N LYS C 203 23.02 -17.45 47.75
CA LYS C 203 23.90 -18.16 46.78
C LYS C 203 24.81 -17.16 46.09
N MET C 204 24.24 -15.99 45.70
CA MET C 204 24.92 -14.85 45.10
C MET C 204 25.97 -14.26 46.05
N VAL C 205 25.65 -14.14 47.37
CA VAL C 205 26.54 -13.63 48.44
C VAL C 205 27.76 -14.56 48.60
N LEU C 206 27.60 -15.85 48.24
CA LEU C 206 28.68 -16.82 48.26
C LEU C 206 29.61 -16.67 47.03
N GLN C 207 29.05 -16.47 45.81
CA GLN C 207 29.87 -16.26 44.61
C GLN C 207 30.56 -14.90 44.71
N LEU C 208 29.82 -13.89 45.22
CA LEU C 208 30.25 -12.50 45.44
C LEU C 208 31.39 -12.37 46.47
N SER C 209 31.51 -13.34 47.42
CA SER C 209 32.58 -13.38 48.42
C SER C 209 33.87 -13.97 47.81
N LYS C 210 33.73 -14.81 46.75
CA LYS C 210 34.85 -15.43 46.01
C LYS C 210 35.31 -14.46 44.92
N GLU C 211 34.41 -14.13 43.96
CA GLU C 211 34.65 -13.20 42.86
C GLU C 211 33.82 -11.93 43.13
N PRO C 212 34.44 -10.88 43.73
CA PRO C 212 33.64 -9.68 44.06
C PRO C 212 33.24 -8.79 42.90
N SER C 213 32.09 -8.11 43.08
CA SER C 213 31.53 -7.12 42.17
C SER C 213 30.88 -6.07 43.07
N ALA C 214 31.56 -4.92 43.22
CA ALA C 214 31.12 -3.81 44.08
C ALA C 214 29.76 -3.24 43.65
N ARG C 215 29.41 -3.35 42.34
CA ARG C 215 28.11 -2.87 41.84
C ARG C 215 27.02 -3.93 42.06
N LEU C 216 27.36 -5.25 41.95
CA LEU C 216 26.41 -6.36 42.19
C LEU C 216 26.04 -6.43 43.66
N LEU C 217 27.04 -6.23 44.54
CA LEU C 217 26.87 -6.22 45.99
C LEU C 217 25.98 -5.07 46.42
N LYS C 218 26.10 -3.89 45.77
CA LYS C 218 25.26 -2.72 46.04
C LYS C 218 23.77 -3.06 45.86
N HIS C 219 23.40 -3.81 44.79
CA HIS C 219 22.02 -4.20 44.51
C HIS C 219 21.50 -5.34 45.39
N VAL C 220 22.33 -6.36 45.73
CA VAL C 220 21.94 -7.47 46.63
C VAL C 220 21.74 -6.91 48.05
N VAL C 221 22.61 -5.96 48.47
CA VAL C 221 22.47 -5.31 49.78
C VAL C 221 21.13 -4.54 49.83
N ARG C 222 20.83 -3.70 48.81
CA ARG C 222 19.56 -2.94 48.70
C ARG C 222 18.35 -3.88 48.75
N CYS C 223 18.45 -5.07 48.10
CA CYS C 223 17.40 -6.10 48.08
C CYS C 223 17.17 -6.67 49.48
N TYR C 224 18.27 -7.06 50.16
CA TYR C 224 18.23 -7.58 51.53
C TYR C 224 17.64 -6.54 52.49
N LEU C 225 18.06 -5.25 52.36
CA LEU C 225 17.60 -4.13 53.19
C LEU C 225 16.11 -3.85 52.99
N ARG C 226 15.62 -3.95 51.75
CA ARG C 226 14.21 -3.73 51.46
C ARG C 226 13.33 -4.85 52.04
N LEU C 227 13.81 -6.13 52.03
CA LEU C 227 13.12 -7.28 52.62
C LEU C 227 12.97 -7.11 54.12
N SER C 228 13.96 -6.44 54.77
CA SER C 228 13.92 -6.20 56.21
C SER C 228 12.77 -5.23 56.62
N ASP C 229 12.13 -4.55 55.64
CA ASP C 229 10.99 -3.66 55.89
C ASP C 229 9.74 -4.47 56.19
N ASN C 230 9.62 -5.69 55.61
CA ASN C 230 8.50 -6.60 55.86
C ASN C 230 8.80 -7.37 57.14
N PRO C 231 7.91 -7.32 58.16
CA PRO C 231 8.22 -8.02 59.43
C PRO C 231 8.39 -9.53 59.30
N ARG C 232 7.56 -10.22 58.45
CA ARG C 232 7.65 -11.67 58.20
C ARG C 232 9.03 -11.99 57.62
N ALA C 233 9.50 -11.19 56.65
CA ALA C 233 10.80 -11.33 56.02
C ALA C 233 11.93 -11.00 57.02
N ARG C 234 11.75 -9.95 57.85
CA ARG C 234 12.70 -9.51 58.90
C ARG C 234 12.95 -10.64 59.93
N GLU C 235 11.86 -11.31 60.39
CA GLU C 235 11.91 -12.43 61.34
C GLU C 235 12.68 -13.63 60.76
N ALA C 236 12.35 -14.02 59.51
CA ALA C 236 12.98 -15.14 58.80
C ALA C 236 14.44 -14.85 58.49
N LEU C 237 14.75 -13.59 58.08
CA LEU C 237 16.11 -13.15 57.76
C LEU C 237 17.06 -13.19 58.96
N ARG C 238 16.51 -13.17 60.21
CA ARG C 238 17.32 -13.21 61.43
C ARG C 238 18.14 -14.50 61.56
N GLN C 239 17.69 -15.60 60.92
CA GLN C 239 18.37 -16.90 60.92
C GLN C 239 19.14 -17.13 59.60
N CYS C 240 18.49 -16.87 58.45
CA CYS C 240 19.03 -17.16 57.13
C CYS C 240 20.01 -16.09 56.56
N LEU C 241 20.16 -14.90 57.17
CA LEU C 241 21.07 -13.86 56.64
C LEU C 241 22.51 -14.37 56.54
N PRO C 242 23.16 -14.29 55.35
CA PRO C 242 24.53 -14.80 55.22
C PRO C 242 25.50 -14.19 56.23
N ASP C 243 26.37 -15.03 56.81
CA ASP C 243 27.34 -14.60 57.81
C ASP C 243 28.35 -13.63 57.22
N GLN C 244 28.52 -13.67 55.89
CA GLN C 244 29.40 -12.86 55.07
C GLN C 244 29.01 -11.38 55.11
N LEU C 245 27.70 -11.09 55.34
CA LEU C 245 27.14 -9.74 55.45
C LEU C 245 27.22 -9.20 56.89
N LYS C 246 27.33 -10.11 57.88
CA LYS C 246 27.42 -9.79 59.31
C LYS C 246 28.86 -9.51 59.76
N ASP C 247 29.85 -10.26 59.21
CA ASP C 247 31.27 -10.12 59.52
C ASP C 247 32.02 -9.16 58.57
N THR C 248 33.37 -9.15 58.64
CA THR C 248 34.30 -8.29 57.89
C THR C 248 34.71 -8.82 56.49
N THR C 249 33.81 -9.55 55.79
CA THR C 249 34.10 -10.11 54.46
C THR C 249 34.24 -9.02 53.39
N PHE C 250 33.17 -8.24 53.19
CA PHE C 250 33.10 -7.21 52.15
C PHE C 250 33.58 -5.83 52.60
N ALA C 251 34.07 -5.72 53.85
CA ALA C 251 34.58 -4.47 54.44
C ALA C 251 35.61 -3.77 53.55
N GLN C 252 36.48 -4.55 52.88
CA GLN C 252 37.53 -4.06 51.98
C GLN C 252 36.98 -3.46 50.68
N VAL C 253 36.05 -4.16 50.01
CA VAL C 253 35.45 -3.70 48.75
C VAL C 253 34.44 -2.55 49.04
N LEU C 254 33.99 -2.44 50.32
CA LEU C 254 32.99 -1.52 50.86
C LEU C 254 33.47 -0.13 51.33
N LYS C 255 34.78 0.06 51.61
CA LYS C 255 35.25 1.37 52.07
C LYS C 255 35.15 2.47 50.99
N ASP C 256 35.04 2.09 49.69
CA ASP C 256 34.88 3.04 48.59
C ASP C 256 33.40 3.35 48.28
N ASP C 257 32.50 2.35 48.42
CA ASP C 257 31.06 2.52 48.21
C ASP C 257 30.42 2.88 49.57
N THR C 258 30.23 4.18 49.82
CA THR C 258 29.69 4.71 51.08
C THR C 258 28.18 4.44 51.24
N THR C 259 27.41 4.39 50.14
CA THR C 259 25.97 4.14 50.17
C THR C 259 25.64 2.71 50.62
N THR C 260 26.35 1.70 50.05
CA THR C 260 26.19 0.26 50.36
C THR C 260 26.57 -0.01 51.82
N LYS C 261 27.66 0.66 52.27
CA LYS C 261 28.25 0.65 53.61
C LYS C 261 27.21 1.09 54.63
N ARG C 262 26.38 2.09 54.24
CA ARG C 262 25.30 2.67 55.01
C ARG C 262 24.10 1.73 55.00
N TRP C 263 23.79 1.12 53.84
CA TRP C 263 22.69 0.19 53.65
C TRP C 263 22.85 -1.11 54.45
N LEU C 264 24.10 -1.62 54.52
CA LEU C 264 24.43 -2.82 55.28
C LEU C 264 24.40 -2.51 56.79
N ALA C 265 24.79 -1.28 57.18
CA ALA C 265 24.77 -0.82 58.57
C ALA C 265 23.32 -0.70 59.07
N GLN C 266 22.41 -0.26 58.17
CA GLN C 266 20.98 -0.11 58.45
C GLN C 266 20.30 -1.49 58.54
N LEU C 267 20.69 -2.43 57.65
CA LEU C 267 20.15 -3.80 57.60
C LEU C 267 20.39 -4.54 58.91
N VAL C 268 21.66 -4.54 59.40
CA VAL C 268 22.05 -5.22 60.66
C VAL C 268 21.26 -4.62 61.85
N LYS C 269 21.09 -3.26 61.85
CA LYS C 269 20.35 -2.53 62.87
C LYS C 269 18.85 -2.86 62.81
N ASN C 270 18.30 -3.00 61.60
CA ASN C 270 16.90 -3.34 61.39
C ASN C 270 16.59 -4.79 61.82
N LEU C 271 17.58 -5.69 61.71
CA LEU C 271 17.44 -7.09 62.08
C LEU C 271 17.50 -7.35 63.60
N GLN C 272 18.31 -6.62 64.37
CA GLN C 272 18.35 -6.89 65.82
C GLN C 272 17.22 -6.20 66.59
N GLU C 273 16.79 -5.00 66.13
CA GLU C 273 15.71 -4.23 66.75
C GLU C 273 14.86 -3.51 65.71
N ASP D 1 30.85 -8.71 11.16
CA ASP D 1 29.58 -9.06 11.79
C ASP D 1 29.77 -9.55 13.25
N ASP D 2 30.70 -10.49 13.47
CA ASP D 2 31.04 -11.00 14.81
C ASP D 2 31.82 -9.92 15.57
N GLN D 3 32.55 -9.07 14.82
CA GLN D 3 33.34 -7.92 15.28
C GLN D 3 32.36 -6.82 15.71
N GLN D 4 31.23 -6.70 14.97
CA GLN D 4 30.15 -5.75 15.25
C GLN D 4 29.34 -6.23 16.47
N LEU D 5 29.21 -7.57 16.65
CA LEU D 5 28.51 -8.17 17.79
C LEU D 5 29.19 -7.75 19.09
N ASP D 6 30.53 -7.89 19.14
CA ASP D 6 31.35 -7.52 20.30
C ASP D 6 31.23 -6.01 20.60
N HIS D 7 31.11 -5.18 19.53
CA HIS D 7 30.94 -3.73 19.67
C HIS D 7 29.58 -3.39 20.26
N ASN D 8 28.51 -3.95 19.66
CA ASN D 8 27.13 -3.73 20.09
C ASN D 8 26.89 -4.21 21.52
N PHE D 9 27.62 -5.26 21.92
CA PHE D 9 27.57 -5.83 23.27
C PHE D 9 28.17 -4.83 24.25
N LYS D 10 29.37 -4.29 23.91
CA LYS D 10 30.14 -3.28 24.67
C LYS D 10 29.30 -2.01 24.85
N GLN D 11 28.53 -1.64 23.82
CA GLN D 11 27.63 -0.48 23.81
C GLN D 11 26.48 -0.71 24.80
N MET D 12 25.86 -1.92 24.77
CA MET D 12 24.78 -2.33 25.67
C MET D 12 25.27 -2.40 27.10
N GLU D 13 26.52 -2.88 27.27
CA GLU D 13 27.19 -2.99 28.56
C GLU D 13 27.24 -1.60 29.19
N GLU D 14 27.84 -0.62 28.48
CA GLU D 14 27.96 0.78 28.89
C GLU D 14 26.59 1.40 29.20
N HIS D 15 25.59 1.10 28.35
CA HIS D 15 24.22 1.58 28.50
C HIS D 15 23.57 1.09 29.80
N LEU D 16 23.64 -0.22 30.07
CA LEU D 16 23.06 -0.83 31.27
C LEU D 16 23.80 -0.48 32.54
N ALA D 17 25.13 -0.26 32.44
CA ALA D 17 25.96 0.13 33.57
C ALA D 17 25.43 1.45 34.17
N LEU D 18 25.03 2.41 33.28
CA LEU D 18 24.47 3.71 33.67
C LEU D 18 23.03 3.59 34.20
N MET D 19 22.31 2.56 33.74
CA MET D 19 20.92 2.32 34.14
C MET D 19 20.81 1.84 35.61
N VAL D 20 21.69 0.91 36.02
CA VAL D 20 21.68 0.36 37.39
C VAL D 20 22.19 1.39 38.43
N GLU D 21 22.98 2.41 37.98
CA GLU D 21 23.54 3.48 38.81
C GLU D 21 22.46 4.36 39.48
N GLY D 22 22.51 4.43 40.82
CA GLY D 22 21.57 5.19 41.62
C GLY D 22 22.15 5.67 42.94
N LEU E 5 -34.13 25.58 -32.45
CA LEU E 5 -33.67 26.88 -32.91
C LEU E 5 -32.18 27.08 -32.56
N GLU E 6 -31.88 27.29 -31.25
CA GLU E 6 -30.55 27.53 -30.68
C GLU E 6 -29.70 26.25 -30.68
N ARG E 7 -30.36 25.08 -30.75
CA ARG E 7 -29.76 23.74 -30.80
C ARG E 7 -28.95 23.54 -32.11
N GLU E 8 -29.37 24.22 -33.21
CA GLU E 8 -28.74 24.20 -34.54
C GLU E 8 -27.34 24.85 -34.46
N LYS E 9 -27.23 25.92 -33.64
CA LYS E 9 -26.01 26.70 -33.37
C LYS E 9 -25.02 25.88 -32.53
N ILE E 10 -25.53 25.15 -31.50
CA ILE E 10 -24.72 24.28 -30.61
C ILE E 10 -24.15 23.09 -31.40
N TYR E 11 -25.00 22.41 -32.18
CA TYR E 11 -24.59 21.25 -32.99
C TYR E 11 -23.60 21.59 -34.09
N GLN E 12 -23.64 22.84 -34.57
CA GLN E 12 -22.73 23.38 -35.57
C GLN E 12 -21.35 23.53 -34.94
N TRP E 13 -21.29 24.13 -33.73
CA TRP E 13 -20.06 24.35 -32.98
C TRP E 13 -19.37 23.04 -32.57
N ILE E 14 -20.12 22.01 -32.14
CA ILE E 14 -19.58 20.69 -31.78
C ILE E 14 -18.91 20.04 -32.99
N ASN E 15 -19.54 20.19 -34.18
CA ASN E 15 -19.00 19.71 -35.44
C ASN E 15 -17.80 20.57 -35.89
N GLU E 16 -17.81 21.87 -35.53
CA GLU E 16 -16.73 22.82 -35.83
C GLU E 16 -15.46 22.52 -35.01
N LEU E 17 -15.58 21.79 -33.87
CA LEU E 17 -14.47 21.40 -33.00
C LEU E 17 -13.55 20.40 -33.69
N SER E 18 -14.11 19.58 -34.60
CA SER E 18 -13.40 18.54 -35.33
C SER E 18 -12.30 19.10 -36.26
N SER E 19 -12.58 20.17 -37.05
CA SER E 19 -11.57 20.79 -37.90
C SER E 19 -10.81 21.89 -37.13
N PRO E 20 -9.44 21.90 -37.12
CA PRO E 20 -8.70 22.93 -36.36
C PRO E 20 -8.97 24.38 -36.81
N GLU E 21 -9.39 24.55 -38.07
CA GLU E 21 -9.73 25.83 -38.69
C GLU E 21 -10.86 26.59 -37.96
N THR E 22 -11.82 25.85 -37.33
CA THR E 22 -12.96 26.44 -36.60
C THR E 22 -13.01 26.08 -35.10
N ARG E 23 -12.13 25.15 -34.65
CA ARG E 23 -12.02 24.64 -33.27
C ARG E 23 -11.94 25.74 -32.20
N GLU E 24 -11.09 26.77 -32.42
CA GLU E 24 -10.88 27.87 -31.47
C GLU E 24 -12.15 28.65 -31.10
N ASN E 25 -12.90 29.11 -32.11
CA ASN E 25 -14.14 29.87 -31.90
C ASN E 25 -15.23 28.99 -31.30
N ALA E 26 -15.32 27.72 -31.78
CA ALA E 26 -16.29 26.72 -31.31
C ALA E 26 -16.06 26.40 -29.83
N LEU E 27 -14.79 26.44 -29.37
CA LEU E 27 -14.43 26.22 -27.97
C LEU E 27 -15.00 27.36 -27.15
N LEU E 28 -14.73 28.62 -27.55
CA LEU E 28 -15.18 29.84 -26.88
C LEU E 28 -16.70 29.92 -26.76
N GLU E 29 -17.43 29.67 -27.86
CA GLU E 29 -18.90 29.74 -27.86
C GLU E 29 -19.51 28.67 -26.96
N LEU E 30 -19.04 27.41 -27.08
CA LEU E 30 -19.53 26.30 -26.25
C LEU E 30 -19.20 26.44 -24.78
N SER E 31 -17.97 26.90 -24.44
CA SER E 31 -17.53 27.07 -23.04
C SER E 31 -18.38 28.06 -22.22
N LYS E 32 -19.02 29.04 -22.90
CA LYS E 32 -19.87 30.02 -22.21
C LYS E 32 -21.34 29.58 -22.22
N LYS E 33 -21.78 28.83 -23.26
CA LYS E 33 -23.15 28.30 -23.36
C LYS E 33 -23.34 27.05 -22.48
N ARG E 34 -22.22 26.54 -21.92
CA ARG E 34 -22.05 25.36 -21.06
C ARG E 34 -23.11 25.17 -19.95
N GLU E 35 -23.42 26.25 -19.21
CA GLU E 35 -24.40 26.23 -18.11
C GLU E 35 -25.86 26.32 -18.57
N SER E 36 -26.09 26.95 -19.73
CA SER E 36 -27.43 27.09 -20.34
C SER E 36 -27.90 25.83 -21.08
N VAL E 37 -26.97 24.89 -21.40
CA VAL E 37 -27.27 23.62 -22.07
C VAL E 37 -27.10 22.49 -21.04
N PRO E 38 -28.20 21.80 -20.64
CA PRO E 38 -28.07 20.74 -19.64
C PRO E 38 -27.45 19.45 -20.17
N ASP E 39 -27.94 18.97 -21.33
CA ASP E 39 -27.45 17.76 -21.99
C ASP E 39 -26.25 18.03 -22.92
N LEU E 40 -25.41 19.05 -22.62
CA LEU E 40 -24.24 19.38 -23.43
C LEU E 40 -23.17 18.28 -23.35
N ALA E 41 -22.93 17.73 -22.14
CA ALA E 41 -21.94 16.68 -21.92
C ALA E 41 -22.17 15.40 -22.78
N PRO E 42 -23.39 14.77 -22.83
CA PRO E 42 -23.57 13.60 -23.72
C PRO E 42 -23.40 13.95 -25.19
N MET E 43 -23.77 15.19 -25.58
CA MET E 43 -23.66 15.71 -26.95
C MET E 43 -22.20 15.80 -27.37
N LEU E 44 -21.32 16.25 -26.45
CA LEU E 44 -19.89 16.36 -26.70
C LEU E 44 -19.30 14.96 -26.73
N TRP E 45 -19.78 14.07 -25.83
CA TRP E 45 -19.27 12.71 -25.71
C TRP E 45 -19.60 11.77 -26.89
N HIS E 46 -20.78 11.93 -27.51
CA HIS E 46 -21.18 11.03 -28.58
C HIS E 46 -20.98 11.58 -30.01
N SER E 47 -20.48 12.81 -30.15
CA SER E 47 -20.19 13.36 -31.47
C SER E 47 -18.79 12.91 -31.85
N PHE E 48 -18.65 12.36 -33.06
CA PHE E 48 -17.42 11.77 -33.60
C PHE E 48 -16.21 12.71 -33.60
N GLY E 49 -15.22 12.31 -32.78
CA GLY E 49 -13.93 12.98 -32.62
C GLY E 49 -13.91 14.27 -31.84
N THR E 50 -15.00 14.58 -31.10
CA THR E 50 -15.14 15.79 -30.28
C THR E 50 -14.22 15.72 -29.05
N ILE E 51 -14.22 14.58 -28.32
CA ILE E 51 -13.35 14.38 -27.15
C ILE E 51 -11.89 14.40 -27.55
N ALA E 52 -11.54 13.75 -28.69
CA ALA E 52 -10.18 13.68 -29.22
C ALA E 52 -9.65 15.09 -29.51
N ALA E 53 -10.53 16.03 -29.95
CA ALA E 53 -10.17 17.43 -30.24
C ALA E 53 -9.87 18.19 -28.93
N LEU E 54 -10.73 18.00 -27.91
CA LEU E 54 -10.50 18.62 -26.60
C LEU E 54 -9.18 18.09 -26.02
N LEU E 55 -8.91 16.77 -26.19
CA LEU E 55 -7.67 16.22 -25.66
C LEU E 55 -6.46 16.66 -26.44
N GLN E 56 -6.64 16.99 -27.74
CA GLN E 56 -5.58 17.50 -28.60
C GLN E 56 -5.21 18.89 -28.10
N GLU E 57 -6.22 19.69 -27.76
CA GLU E 57 -6.02 21.05 -27.25
C GLU E 57 -5.18 21.05 -25.99
N ILE E 58 -5.32 19.99 -25.17
CA ILE E 58 -4.56 19.79 -23.92
C ILE E 58 -3.09 19.44 -24.21
N VAL E 59 -2.85 18.39 -25.02
CA VAL E 59 -1.52 17.88 -25.36
C VAL E 59 -0.68 18.88 -26.19
N ASN E 60 -1.33 19.77 -26.98
CA ASN E 60 -0.66 20.78 -27.80
C ASN E 60 0.06 21.83 -26.94
N ILE E 61 -0.47 22.08 -25.72
CA ILE E 61 0.02 23.04 -24.76
C ILE E 61 1.14 22.47 -23.87
N TYR E 62 1.36 21.16 -23.88
CA TYR E 62 2.41 20.52 -23.08
C TYR E 62 3.82 21.13 -23.28
N PRO E 63 4.29 21.43 -24.54
CA PRO E 63 5.64 22.02 -24.70
C PRO E 63 5.79 23.41 -24.07
N SER E 64 4.64 24.05 -23.82
CA SER E 64 4.54 25.39 -23.26
C SER E 64 4.52 25.42 -21.72
N ILE E 65 4.17 24.31 -21.05
CA ILE E 65 4.08 24.30 -19.60
C ILE E 65 5.44 24.04 -18.95
N ASN E 66 6.41 23.48 -19.70
CA ASN E 66 7.79 23.30 -19.23
C ASN E 66 8.69 23.29 -20.45
N PRO E 67 9.51 24.34 -20.69
CA PRO E 67 9.69 25.56 -19.87
C PRO E 67 8.44 26.43 -19.84
N PRO E 68 8.12 27.09 -18.69
CA PRO E 68 6.87 27.89 -18.60
C PRO E 68 6.78 29.09 -19.55
N THR E 69 6.35 28.84 -20.79
CA THR E 69 6.24 29.82 -21.86
C THR E 69 4.79 30.00 -22.32
N LEU E 70 3.82 29.56 -21.46
CA LEU E 70 2.38 29.65 -21.74
C LEU E 70 1.91 31.10 -21.72
N THR E 71 1.29 31.53 -22.84
CA THR E 71 0.77 32.87 -23.08
C THR E 71 -0.70 32.98 -22.69
N ALA E 72 -1.20 34.22 -22.61
CA ALA E 72 -2.59 34.55 -22.26
C ALA E 72 -3.56 33.84 -23.21
N HIS E 73 -3.30 33.96 -24.53
CA HIS E 73 -4.07 33.35 -25.61
C HIS E 73 -4.05 31.82 -25.46
N GLN E 74 -2.85 31.23 -25.26
CA GLN E 74 -2.65 29.80 -25.09
C GLN E 74 -3.51 29.25 -23.94
N SER E 75 -3.50 29.96 -22.79
CA SER E 75 -4.26 29.61 -21.59
C SER E 75 -5.76 29.74 -21.81
N ASN E 76 -6.20 30.84 -22.46
CA ASN E 76 -7.61 31.08 -22.73
C ASN E 76 -8.19 29.94 -23.55
N ARG E 77 -7.47 29.55 -24.62
CA ARG E 77 -7.86 28.48 -25.54
C ARG E 77 -8.00 27.14 -24.83
N VAL E 78 -6.95 26.68 -24.12
CA VAL E 78 -6.94 25.40 -23.42
C VAL E 78 -8.02 25.35 -22.31
N CYS E 79 -8.26 26.46 -21.61
CA CYS E 79 -9.21 26.45 -20.52
C CYS E 79 -10.63 26.36 -20.96
N ASN E 80 -10.92 26.79 -22.22
CA ASN E 80 -12.25 26.65 -22.81
C ASN E 80 -12.51 25.16 -23.04
N ALA E 81 -11.47 24.42 -23.48
CA ALA E 81 -11.53 22.99 -23.67
C ALA E 81 -11.63 22.29 -22.33
N LEU E 82 -10.92 22.80 -21.28
CA LEU E 82 -10.95 22.26 -19.93
C LEU E 82 -12.32 22.51 -19.31
N ALA E 83 -12.95 23.64 -19.65
CA ALA E 83 -14.28 23.98 -19.17
C ALA E 83 -15.29 22.96 -19.72
N LEU E 84 -15.13 22.59 -21.00
CA LEU E 84 -16.01 21.61 -21.62
C LEU E 84 -15.83 20.23 -21.00
N LEU E 85 -14.60 19.92 -20.53
CA LEU E 85 -14.29 18.65 -19.87
C LEU E 85 -14.86 18.63 -18.46
N GLN E 86 -14.93 19.83 -17.84
CA GLN E 86 -15.46 20.08 -16.51
C GLN E 86 -16.92 19.64 -16.50
N CYS E 87 -17.66 20.02 -17.56
CA CYS E 87 -19.07 19.69 -17.67
C CYS E 87 -19.27 18.22 -18.04
N VAL E 88 -18.29 17.60 -18.73
CA VAL E 88 -18.33 16.17 -19.08
C VAL E 88 -18.10 15.37 -17.78
N ALA E 89 -17.21 15.86 -16.90
CA ALA E 89 -16.90 15.27 -15.61
C ALA E 89 -18.12 15.28 -14.67
N SER E 90 -18.90 16.40 -14.69
CA SER E 90 -20.09 16.63 -13.86
C SER E 90 -21.26 15.71 -14.18
N HIS E 91 -21.62 15.58 -15.47
CA HIS E 91 -22.77 14.84 -15.98
C HIS E 91 -22.81 13.33 -15.63
N PRO E 92 -23.95 12.82 -15.12
CA PRO E 92 -24.04 11.39 -14.75
C PRO E 92 -23.87 10.39 -15.89
N GLU E 93 -24.33 10.77 -17.10
CA GLU E 93 -24.24 9.94 -18.32
C GLU E 93 -22.78 9.79 -18.81
N THR E 94 -21.95 10.83 -18.61
CA THR E 94 -20.57 10.87 -19.10
C THR E 94 -19.51 10.97 -18.00
N ARG E 95 -19.84 10.70 -16.74
CA ARG E 95 -18.84 10.74 -15.69
C ARG E 95 -18.05 9.42 -15.64
N SER E 96 -18.77 8.28 -15.63
CA SER E 96 -18.15 6.96 -15.56
C SER E 96 -17.22 6.72 -16.74
N ALA E 97 -17.68 7.11 -17.97
CA ALA E 97 -16.97 7.01 -19.23
C ALA E 97 -15.70 7.89 -19.25
N PHE E 98 -15.81 9.13 -18.73
CA PHE E 98 -14.73 10.10 -18.59
C PHE E 98 -13.60 9.52 -17.68
N LEU E 99 -13.98 8.92 -16.53
CA LEU E 99 -13.05 8.30 -15.59
C LEU E 99 -12.37 7.09 -16.23
N ALA E 100 -13.16 6.20 -16.89
CA ALA E 100 -12.66 5.00 -17.56
C ALA E 100 -11.70 5.37 -18.68
N ALA E 101 -11.88 6.55 -19.29
CA ALA E 101 -11.04 7.08 -20.35
C ALA E 101 -9.79 7.80 -19.78
N HIS E 102 -9.63 7.78 -18.43
CA HIS E 102 -8.52 8.37 -17.67
C HIS E 102 -8.23 9.84 -17.99
N ILE E 103 -9.23 10.58 -18.52
CA ILE E 103 -9.12 12.00 -18.89
C ILE E 103 -8.40 12.86 -17.79
N PRO E 104 -8.67 12.70 -16.45
CA PRO E 104 -7.94 13.51 -15.46
C PRO E 104 -6.42 13.49 -15.59
N LEU E 105 -5.84 12.35 -15.99
CA LEU E 105 -4.38 12.20 -16.12
C LEU E 105 -3.75 13.23 -17.04
N PHE E 106 -4.50 13.73 -18.04
CA PHE E 106 -4.03 14.74 -19.00
C PHE E 106 -3.84 16.10 -18.32
N LEU E 107 -4.52 16.32 -17.18
CA LEU E 107 -4.54 17.56 -16.43
C LEU E 107 -3.47 17.58 -15.38
N TYR E 108 -3.00 16.39 -14.96
CA TYR E 108 -1.97 16.26 -13.94
C TYR E 108 -0.73 17.06 -14.29
N PRO E 109 -0.22 17.10 -15.57
CA PRO E 109 0.93 17.98 -15.86
C PRO E 109 0.64 19.43 -15.50
N PHE E 110 -0.59 19.93 -15.79
CA PHE E 110 -1.02 21.29 -15.51
C PHE E 110 -0.98 21.60 -14.03
N LEU E 111 -1.42 20.63 -13.19
CA LEU E 111 -1.45 20.72 -11.73
C LEU E 111 -0.04 20.63 -11.11
N HIS E 112 0.96 20.18 -11.89
CA HIS E 112 2.35 20.07 -11.46
C HIS E 112 3.04 21.43 -11.51
N THR E 113 2.53 22.34 -12.38
CA THR E 113 3.11 23.67 -12.63
C THR E 113 3.13 24.53 -11.39
N VAL E 114 4.16 25.37 -11.29
CA VAL E 114 4.38 26.25 -10.16
C VAL E 114 4.35 27.72 -10.56
N SER E 115 4.61 28.05 -11.86
CA SER E 115 4.62 29.43 -12.37
C SER E 115 3.41 30.20 -11.86
N LYS E 116 3.65 31.33 -11.18
CA LYS E 116 2.54 32.10 -10.60
C LYS E 116 1.99 33.19 -11.56
N THR E 117 2.30 33.08 -12.88
CA THR E 117 1.76 34.00 -13.89
C THR E 117 0.27 33.70 -14.08
N ARG E 118 -0.55 34.69 -14.51
CA ARG E 118 -1.99 34.48 -14.69
C ARG E 118 -2.32 33.35 -15.69
N PRO E 119 -1.64 33.22 -16.88
CA PRO E 119 -1.95 32.08 -17.75
C PRO E 119 -1.91 30.72 -17.03
N PHE E 120 -0.92 30.52 -16.12
CA PHE E 120 -0.78 29.29 -15.33
C PHE E 120 -1.77 29.24 -14.19
N GLU E 121 -2.01 30.38 -13.51
CA GLU E 121 -3.00 30.49 -12.43
C GLU E 121 -4.35 29.95 -12.97
N TYR E 122 -4.81 30.49 -14.10
CA TYR E 122 -6.05 30.12 -14.79
C TYR E 122 -6.05 28.65 -15.20
N LEU E 123 -4.93 28.19 -15.79
CA LEU E 123 -4.74 26.79 -16.22
C LEU E 123 -4.93 25.84 -15.03
N ARG E 124 -4.28 26.14 -13.89
CA ARG E 124 -4.36 25.30 -12.70
C ARG E 124 -5.75 25.29 -12.06
N LEU E 125 -6.36 26.47 -11.95
CA LEU E 125 -7.68 26.69 -11.38
C LEU E 125 -8.76 25.94 -12.17
N THR E 126 -8.72 26.02 -13.52
CA THR E 126 -9.66 25.34 -14.42
C THR E 126 -9.48 23.83 -14.32
N SER E 127 -8.21 23.37 -14.27
CA SER E 127 -7.84 21.96 -14.13
C SER E 127 -8.37 21.42 -12.79
N LEU E 128 -8.19 22.20 -11.70
CA LEU E 128 -8.72 21.82 -10.39
C LEU E 128 -10.25 21.69 -10.44
N GLY E 129 -10.90 22.61 -11.14
CA GLY E 129 -12.34 22.64 -11.34
C GLY E 129 -12.88 21.36 -11.94
N VAL E 130 -12.09 20.71 -12.80
CA VAL E 130 -12.42 19.44 -13.44
C VAL E 130 -12.42 18.33 -12.38
N ILE E 131 -11.35 18.24 -11.56
CA ILE E 131 -11.25 17.24 -10.48
C ILE E 131 -12.36 17.47 -9.44
N GLY E 132 -12.64 18.74 -9.18
CA GLY E 132 -13.70 19.18 -8.27
C GLY E 132 -15.05 18.71 -8.73
N ALA E 133 -15.31 18.82 -10.05
CA ALA E 133 -16.53 18.39 -10.70
C ALA E 133 -16.70 16.88 -10.51
N LEU E 134 -15.60 16.11 -10.69
CA LEU E 134 -15.54 14.66 -10.55
C LEU E 134 -15.80 14.19 -9.12
N VAL E 135 -15.24 14.87 -8.10
CA VAL E 135 -15.39 14.51 -6.69
C VAL E 135 -16.77 14.86 -6.14
N LYS E 136 -17.32 16.04 -6.53
CA LYS E 136 -18.63 16.52 -6.07
C LYS E 136 -19.75 15.48 -6.22
N THR E 137 -19.60 14.59 -7.23
CA THR E 137 -20.53 13.50 -7.57
C THR E 137 -20.60 12.40 -6.50
N ASP E 138 -19.66 12.42 -5.53
CA ASP E 138 -19.51 11.46 -4.43
C ASP E 138 -19.65 10.00 -4.90
N GLU E 139 -18.72 9.58 -5.80
CA GLU E 139 -18.64 8.22 -6.37
C GLU E 139 -17.34 7.57 -5.89
N GLN E 140 -17.44 6.32 -5.37
CA GLN E 140 -16.31 5.54 -4.83
C GLN E 140 -15.23 5.28 -5.86
N GLU E 141 -15.61 4.93 -7.11
CA GLU E 141 -14.62 4.69 -8.17
C GLU E 141 -13.81 5.96 -8.46
N VAL E 142 -14.42 7.18 -8.35
CA VAL E 142 -13.71 8.45 -8.48
C VAL E 142 -12.62 8.49 -7.40
N ILE E 143 -12.98 8.20 -6.12
CA ILE E 143 -12.07 8.19 -4.97
C ILE E 143 -10.94 7.18 -5.17
N ASN E 144 -11.30 5.93 -5.50
CA ASN E 144 -10.33 4.87 -5.71
C ASN E 144 -9.42 5.15 -6.89
N PHE E 145 -9.91 5.87 -7.92
CA PHE E 145 -9.09 6.30 -9.07
C PHE E 145 -8.05 7.28 -8.53
N LEU E 146 -8.54 8.38 -7.91
CA LEU E 146 -7.76 9.47 -7.32
C LEU E 146 -6.70 9.00 -6.32
N LEU E 147 -6.99 7.96 -5.53
CA LEU E 147 -6.04 7.42 -4.55
C LEU E 147 -4.85 6.73 -5.25
N THR E 148 -5.12 5.97 -6.32
CA THR E 148 -4.08 5.26 -7.06
C THR E 148 -3.27 6.12 -8.01
N THR E 149 -3.77 7.32 -8.40
CA THR E 149 -3.14 8.20 -9.39
C THR E 149 -2.21 9.30 -8.83
N GLU E 150 -2.08 9.41 -7.48
CA GLU E 150 -1.21 10.38 -6.80
C GLU E 150 -1.68 11.84 -6.98
N ILE E 151 -2.97 12.10 -6.73
CA ILE E 151 -3.54 13.45 -6.77
C ILE E 151 -3.30 14.15 -5.41
N ILE E 152 -3.37 13.40 -4.29
CA ILE E 152 -3.18 13.93 -2.93
C ILE E 152 -1.89 14.79 -2.86
N PRO E 153 -0.68 14.35 -3.35
CA PRO E 153 0.49 15.26 -3.32
C PRO E 153 0.29 16.53 -4.14
N LEU E 154 -0.35 16.42 -5.33
CA LEU E 154 -0.61 17.55 -6.22
C LEU E 154 -1.50 18.59 -5.56
N CYS E 155 -2.53 18.12 -4.82
CA CYS E 155 -3.45 18.98 -4.09
C CYS E 155 -2.75 19.68 -2.94
N LEU E 156 -2.02 18.91 -2.10
CA LEU E 156 -1.28 19.44 -0.94
C LEU E 156 -0.28 20.55 -1.35
N ARG E 157 0.33 20.43 -2.55
CA ARG E 157 1.30 21.40 -3.09
C ARG E 157 0.60 22.71 -3.39
N ILE E 158 -0.59 22.65 -4.05
CA ILE E 158 -1.45 23.81 -4.37
C ILE E 158 -2.01 24.41 -3.04
N MET E 159 -2.48 23.54 -2.12
CA MET E 159 -3.03 23.92 -0.81
C MET E 159 -2.00 24.76 -0.04
N GLU E 160 -0.73 24.34 -0.08
CA GLU E 160 0.38 25.00 0.60
C GLU E 160 0.73 26.33 -0.06
N SER E 161 0.92 26.35 -1.40
CA SER E 161 1.44 27.52 -2.10
C SER E 161 0.66 27.92 -3.35
N GLY E 162 -0.64 28.13 -3.20
CA GLY E 162 -1.49 28.54 -4.30
C GLY E 162 -2.19 29.85 -4.04
N SER E 163 -3.11 30.21 -4.95
CA SER E 163 -3.94 31.41 -4.82
C SER E 163 -5.00 31.08 -3.77
N GLU E 164 -5.57 32.10 -3.08
CA GLU E 164 -6.60 31.89 -2.06
C GLU E 164 -7.69 30.93 -2.56
N LEU E 165 -8.13 31.12 -3.83
CA LEU E 165 -9.14 30.27 -4.46
C LEU E 165 -8.66 28.84 -4.83
N SER E 166 -7.43 28.72 -5.41
CA SER E 166 -6.83 27.41 -5.77
C SER E 166 -6.56 26.57 -4.51
N LYS E 167 -6.10 27.22 -3.42
CA LYS E 167 -5.90 26.57 -2.13
C LYS E 167 -7.25 25.97 -1.67
N THR E 168 -8.36 26.76 -1.75
CA THR E 168 -9.73 26.33 -1.38
C THR E 168 -10.25 25.11 -2.19
N VAL E 169 -10.14 25.14 -3.54
CA VAL E 169 -10.56 24.06 -4.45
C VAL E 169 -9.71 22.80 -4.18
N ALA E 170 -8.38 22.94 -3.96
CA ALA E 170 -7.52 21.79 -3.67
C ALA E 170 -7.85 21.16 -2.31
N THR E 171 -8.17 21.99 -1.28
CA THR E 171 -8.60 21.55 0.06
C THR E 171 -9.94 20.82 -0.06
N PHE E 172 -10.86 21.35 -0.90
CA PHE E 172 -12.17 20.76 -1.18
C PHE E 172 -12.02 19.33 -1.74
N ILE E 173 -11.07 19.13 -2.68
CA ILE E 173 -10.78 17.81 -3.28
C ILE E 173 -10.24 16.87 -2.20
N LEU E 174 -9.33 17.37 -1.31
CA LEU E 174 -8.82 16.54 -0.21
C LEU E 174 -9.95 16.17 0.73
N GLN E 175 -10.79 17.17 1.08
CA GLN E 175 -11.96 17.03 1.95
C GLN E 175 -12.79 15.88 1.43
N LYS E 176 -13.22 15.97 0.16
CA LYS E 176 -14.02 14.95 -0.50
C LYS E 176 -13.41 13.54 -0.38
N ILE E 177 -12.07 13.41 -0.59
CA ILE E 177 -11.32 12.14 -0.44
C ILE E 177 -11.37 11.67 1.03
N LEU E 178 -11.13 12.59 1.97
CA LEU E 178 -11.14 12.34 3.40
C LEU E 178 -12.49 11.91 3.92
N LEU E 179 -13.60 12.43 3.34
CA LEU E 179 -14.98 12.07 3.74
C LEU E 179 -15.31 10.63 3.40
N ASP E 180 -14.65 10.04 2.38
CA ASP E 180 -14.85 8.63 2.00
C ASP E 180 -14.11 7.77 3.00
N ASP E 181 -14.72 6.66 3.43
CA ASP E 181 -14.11 5.75 4.38
C ASP E 181 -12.77 5.21 3.92
N THR E 182 -12.68 4.82 2.64
CA THR E 182 -11.44 4.29 2.03
C THR E 182 -10.35 5.36 1.97
N GLY E 183 -10.75 6.60 1.66
CA GLY E 183 -9.84 7.75 1.62
C GLY E 183 -9.24 8.04 2.98
N LEU E 184 -10.09 8.10 4.03
CA LEU E 184 -9.60 8.35 5.38
C LEU E 184 -8.63 7.25 5.79
N ALA E 185 -9.00 5.99 5.48
CA ALA E 185 -8.21 4.80 5.76
C ALA E 185 -6.85 4.87 5.06
N TYR E 186 -6.82 5.32 3.78
CA TYR E 186 -5.60 5.45 2.98
C TYR E 186 -4.64 6.47 3.59
N ILE E 187 -5.11 7.73 3.81
CA ILE E 187 -4.32 8.83 4.38
C ILE E 187 -3.79 8.48 5.78
N CYS E 188 -4.58 7.74 6.58
CA CYS E 188 -4.19 7.33 7.94
C CYS E 188 -3.42 6.00 8.03
N GLN E 189 -3.32 5.25 6.91
CA GLN E 189 -2.67 3.93 6.83
C GLN E 189 -1.24 3.92 7.36
N THR E 190 -0.42 4.91 6.96
CA THR E 190 0.97 5.06 7.40
C THR E 190 1.15 6.42 8.05
N TYR E 191 2.15 6.54 8.96
CA TYR E 191 2.46 7.81 9.62
C TYR E 191 2.93 8.81 8.55
N GLU E 192 3.78 8.34 7.59
CA GLU E 192 4.29 9.13 6.47
C GLU E 192 3.17 9.89 5.74
N ARG E 193 2.10 9.17 5.32
CA ARG E 193 0.93 9.72 4.62
C ARG E 193 0.20 10.77 5.45
N PHE E 194 -0.15 10.43 6.69
CA PHE E 194 -0.85 11.32 7.62
C PHE E 194 -0.03 12.58 7.91
N SER E 195 1.26 12.40 8.32
CA SER E 195 2.23 13.45 8.64
C SER E 195 2.38 14.42 7.51
N HIS E 196 2.37 13.95 6.24
CA HIS E 196 2.47 14.80 5.06
C HIS E 196 1.24 15.71 4.95
N VAL E 197 0.03 15.15 5.15
CA VAL E 197 -1.26 15.87 5.11
C VAL E 197 -1.38 16.86 6.27
N ALA E 198 -1.20 16.39 7.50
CA ALA E 198 -1.29 17.18 8.71
C ALA E 198 -0.35 18.38 8.72
N MET E 199 0.91 18.19 8.29
CA MET E 199 1.95 19.23 8.21
C MET E 199 1.49 20.37 7.30
N ILE E 200 0.96 20.04 6.10
CA ILE E 200 0.43 21.02 5.15
C ILE E 200 -0.79 21.74 5.75
N LEU E 201 -1.76 20.99 6.30
CA LEU E 201 -2.96 21.56 6.97
C LEU E 201 -2.56 22.53 8.11
N GLY E 202 -1.52 22.16 8.88
CA GLY E 202 -0.95 22.96 9.96
C GLY E 202 -0.28 24.21 9.45
N LYS E 203 0.46 24.11 8.30
CA LYS E 203 1.13 25.22 7.63
C LYS E 203 0.08 26.22 7.17
N MET E 204 -1.05 25.72 6.64
CA MET E 204 -2.20 26.49 6.17
C MET E 204 -2.83 27.31 7.29
N VAL E 205 -3.00 26.70 8.49
CA VAL E 205 -3.53 27.36 9.69
C VAL E 205 -2.66 28.59 9.99
N LEU E 206 -1.33 28.46 9.88
CA LEU E 206 -0.37 29.54 10.12
C LEU E 206 -0.48 30.69 9.11
N GLN E 207 -0.71 30.39 7.82
CA GLN E 207 -0.87 31.43 6.80
C GLN E 207 -2.22 32.12 7.01
N LEU E 208 -3.26 31.36 7.38
CA LEU E 208 -4.61 31.87 7.64
C LEU E 208 -4.66 32.85 8.81
N SER E 209 -3.77 32.70 9.80
CA SER E 209 -3.74 33.63 10.94
C SER E 209 -3.12 34.97 10.49
N LYS E 210 -2.17 34.90 9.54
CA LYS E 210 -1.53 36.09 8.97
C LYS E 210 -2.53 36.76 8.01
N GLU E 211 -2.89 36.05 6.93
CA GLU E 211 -3.84 36.49 5.92
C GLU E 211 -5.09 35.61 6.04
N PRO E 212 -6.16 36.06 6.74
CA PRO E 212 -7.35 35.20 6.88
C PRO E 212 -8.24 35.06 5.65
N SER E 213 -8.84 33.87 5.51
CA SER E 213 -9.78 33.51 4.46
C SER E 213 -10.81 32.62 5.13
N ALA E 214 -11.99 33.19 5.40
CA ALA E 214 -13.08 32.51 6.08
C ALA E 214 -13.58 31.28 5.32
N ARG E 215 -13.43 31.27 3.97
CA ARG E 215 -13.86 30.12 3.16
C ARG E 215 -12.78 29.02 3.12
N LEU E 216 -11.48 29.39 3.03
CA LEU E 216 -10.39 28.39 3.06
C LEU E 216 -10.32 27.73 4.44
N LEU E 217 -10.51 28.51 5.54
CA LEU E 217 -10.52 28.01 6.91
C LEU E 217 -11.66 27.01 7.13
N LYS E 218 -12.84 27.25 6.52
CA LYS E 218 -13.99 26.36 6.59
C LYS E 218 -13.62 24.95 6.08
N HIS E 219 -12.96 24.92 4.91
CA HIS E 219 -12.54 23.68 4.27
C HIS E 219 -11.33 23.05 5.01
N VAL E 220 -10.46 23.90 5.65
CA VAL E 220 -9.32 23.40 6.42
C VAL E 220 -9.80 22.68 7.67
N VAL E 221 -10.75 23.30 8.38
CA VAL E 221 -11.36 22.80 9.61
C VAL E 221 -12.09 21.45 9.36
N ARG E 222 -12.90 21.35 8.27
CA ARG E 222 -13.61 20.11 7.90
C ARG E 222 -12.64 18.94 7.70
N CYS E 223 -11.45 19.23 7.13
CA CYS E 223 -10.38 18.23 6.89
C CYS E 223 -9.82 17.72 8.22
N TYR E 224 -9.48 18.65 9.13
CA TYR E 224 -8.97 18.35 10.46
C TYR E 224 -9.99 17.53 11.25
N LEU E 225 -11.29 17.93 11.20
CA LEU E 225 -12.40 17.27 11.88
C LEU E 225 -12.61 15.82 11.39
N ARG E 226 -12.48 15.61 10.08
CA ARG E 226 -12.65 14.28 9.49
C ARG E 226 -11.49 13.35 9.92
N LEU E 227 -10.26 13.89 10.01
CA LEU E 227 -9.10 13.12 10.44
C LEU E 227 -9.26 12.63 11.88
N SER E 228 -9.96 13.42 12.73
CA SER E 228 -10.22 13.08 14.12
C SER E 228 -11.13 11.84 14.27
N ASP E 229 -11.78 11.38 13.16
CA ASP E 229 -12.62 10.19 13.14
C ASP E 229 -11.77 8.90 13.20
N ASN E 230 -10.54 8.95 12.66
CA ASN E 230 -9.60 7.83 12.71
C ASN E 230 -8.86 7.90 14.05
N PRO E 231 -8.88 6.83 14.88
CA PRO E 231 -8.21 6.91 16.19
C PRO E 231 -6.70 7.17 16.11
N ARG E 232 -5.97 6.54 15.12
CA ARG E 232 -4.51 6.72 14.94
C ARG E 232 -4.19 8.17 14.63
N ALA E 233 -5.04 8.81 13.80
CA ALA E 233 -4.95 10.23 13.43
C ALA E 233 -5.34 11.12 14.61
N ARG E 234 -6.39 10.72 15.39
CA ARG E 234 -6.88 11.44 16.58
C ARG E 234 -5.77 11.55 17.64
N GLU E 235 -5.04 10.44 17.90
CA GLU E 235 -3.92 10.38 18.84
C GLU E 235 -2.75 11.24 18.33
N ALA E 236 -2.47 11.19 17.01
CA ALA E 236 -1.42 11.96 16.36
C ALA E 236 -1.71 13.46 16.39
N LEU E 237 -3.00 13.84 16.22
CA LEU E 237 -3.46 15.23 16.24
C LEU E 237 -3.51 15.79 17.65
N ARG E 238 -3.15 14.97 18.64
CA ARG E 238 -3.08 15.41 20.02
C ARG E 238 -1.78 16.19 20.18
N GLN E 239 -0.67 15.63 19.65
CA GLN E 239 0.65 16.26 19.73
C GLN E 239 0.98 17.21 18.58
N CYS E 240 0.09 17.33 17.56
CA CYS E 240 0.41 18.19 16.42
C CYS E 240 -0.67 19.23 16.02
N LEU E 241 -1.90 19.21 16.61
CA LEU E 241 -2.93 20.20 16.26
C LEU E 241 -2.46 21.64 16.51
N PRO E 242 -2.53 22.54 15.48
CA PRO E 242 -2.07 23.92 15.69
C PRO E 242 -2.72 24.61 16.88
N ASP E 243 -1.91 25.35 17.66
CA ASP E 243 -2.42 26.08 18.83
C ASP E 243 -3.40 27.18 18.43
N GLN E 244 -3.32 27.69 17.18
CA GLN E 244 -4.20 28.72 16.63
C GLN E 244 -5.66 28.23 16.51
N LEU E 245 -5.87 26.91 16.41
CA LEU E 245 -7.20 26.30 16.34
C LEU E 245 -7.79 26.05 17.76
N LYS E 246 -6.90 25.95 18.77
CA LYS E 246 -7.28 25.70 20.16
C LYS E 246 -7.59 27.01 20.91
N ASP E 247 -6.84 28.09 20.64
CA ASP E 247 -7.02 29.41 21.28
C ASP E 247 -7.99 30.33 20.50
N THR E 248 -8.02 31.64 20.87
CA THR E 248 -8.90 32.69 20.33
C THR E 248 -8.40 33.40 19.05
N THR E 249 -7.63 32.69 18.18
CA THR E 249 -7.08 33.29 16.96
C THR E 249 -8.18 33.63 15.93
N PHE E 250 -8.91 32.60 15.47
CA PHE E 250 -9.92 32.71 14.42
C PHE E 250 -11.31 33.01 14.93
N ALA E 251 -11.45 33.18 16.27
CA ALA E 251 -12.73 33.46 16.93
C ALA E 251 -13.50 34.61 16.28
N GLN E 252 -12.77 35.68 15.89
CA GLN E 252 -13.33 36.88 15.26
C GLN E 252 -13.87 36.64 13.84
N VAL E 253 -13.09 35.96 12.99
CA VAL E 253 -13.46 35.68 11.59
C VAL E 253 -14.61 34.65 11.54
N LEU E 254 -14.76 33.85 12.62
CA LEU E 254 -15.80 32.83 12.66
C LEU E 254 -17.07 33.29 13.41
N LYS E 255 -17.24 34.63 13.55
CA LYS E 255 -18.42 35.22 14.17
C LYS E 255 -19.61 35.10 13.20
N ASP E 256 -19.29 35.06 11.89
CA ASP E 256 -20.24 34.97 10.79
C ASP E 256 -20.43 33.54 10.29
N ASP E 257 -19.36 32.71 10.33
CA ASP E 257 -19.43 31.32 9.89
C ASP E 257 -19.76 30.42 11.07
N THR E 258 -21.06 30.13 11.25
CA THR E 258 -21.58 29.31 12.36
C THR E 258 -21.26 27.82 12.19
N THR E 259 -21.20 27.30 10.94
CA THR E 259 -20.90 25.90 10.66
C THR E 259 -19.46 25.53 11.03
N THR E 260 -18.46 26.38 10.65
CA THR E 260 -17.02 26.19 10.94
C THR E 260 -16.77 26.25 12.45
N LYS E 261 -17.38 27.23 13.15
CA LYS E 261 -17.25 27.35 14.60
C LYS E 261 -17.76 26.07 15.28
N ARG E 262 -18.86 25.48 14.74
CA ARG E 262 -19.45 24.24 15.23
C ARG E 262 -18.49 23.08 14.96
N TRP E 263 -17.86 23.06 13.78
CA TRP E 263 -16.91 22.03 13.37
C TRP E 263 -15.63 22.05 14.21
N LEU E 264 -15.15 23.26 14.54
CA LEU E 264 -13.97 23.44 15.38
C LEU E 264 -14.28 23.09 16.84
N ALA E 265 -15.53 23.35 17.29
CA ALA E 265 -16.00 23.02 18.64
C ALA E 265 -16.07 21.50 18.82
N GLN E 266 -16.48 20.77 17.75
CA GLN E 266 -16.60 19.31 17.69
C GLN E 266 -15.19 18.68 17.65
N LEU E 267 -14.26 19.27 16.88
CA LEU E 267 -12.88 18.80 16.74
C LEU E 267 -12.13 18.78 18.08
N VAL E 268 -12.18 19.91 18.83
CA VAL E 268 -11.52 20.05 20.15
C VAL E 268 -12.10 19.02 21.12
N LYS E 269 -13.43 18.80 21.08
CA LYS E 269 -14.14 17.83 21.91
C LYS E 269 -13.74 16.39 21.55
N ASN E 270 -13.55 16.12 20.23
CA ASN E 270 -13.14 14.82 19.70
C ASN E 270 -11.72 14.48 20.14
N LEU E 271 -10.86 15.49 20.25
CA LEU E 271 -9.45 15.35 20.63
C LEU E 271 -9.22 15.17 22.13
N GLN E 272 -10.03 15.82 22.96
CA GLN E 272 -9.90 15.73 24.41
C GLN E 272 -10.64 14.51 24.97
N GLU E 273 -11.88 14.26 24.48
CA GLU E 273 -12.73 13.14 24.92
C GLU E 273 -13.51 12.49 23.75
N ASP F 1 -7.51 40.30 -25.83
CA ASP F 1 -7.12 38.93 -25.52
C ASP F 1 -6.64 38.77 -24.07
N ASP F 2 -5.72 39.66 -23.61
CA ASP F 2 -5.22 39.68 -22.23
C ASP F 2 -6.33 40.22 -21.30
N GLN F 3 -7.21 41.08 -21.86
CA GLN F 3 -8.37 41.70 -21.23
C GLN F 3 -9.44 40.62 -21.07
N GLN F 4 -9.53 39.70 -22.06
CA GLN F 4 -10.44 38.55 -22.07
C GLN F 4 -9.94 37.49 -21.06
N LEU F 5 -8.59 37.36 -20.90
CA LEU F 5 -7.98 36.42 -19.96
C LEU F 5 -8.42 36.74 -18.54
N ASP F 6 -8.33 38.03 -18.16
CA ASP F 6 -8.73 38.53 -16.85
C ASP F 6 -10.22 38.29 -16.60
N HIS F 7 -11.05 38.41 -17.65
CA HIS F 7 -12.49 38.18 -17.60
C HIS F 7 -12.79 36.71 -17.37
N ASN F 8 -12.21 35.84 -18.22
CA ASN F 8 -12.40 34.39 -18.15
C ASN F 8 -11.94 33.82 -16.82
N PHE F 9 -10.88 34.42 -16.22
CA PHE F 9 -10.34 34.05 -14.91
C PHE F 9 -11.38 34.35 -13.84
N LYS F 10 -11.93 35.58 -13.86
CA LYS F 10 -12.96 36.11 -12.96
C LYS F 10 -14.21 35.23 -13.01
N GLN F 11 -14.54 34.75 -14.22
CA GLN F 11 -15.70 33.89 -14.47
C GLN F 11 -15.50 32.53 -13.80
N MET F 12 -14.29 31.95 -13.98
CA MET F 12 -13.89 30.67 -13.39
C MET F 12 -13.84 30.78 -11.89
N GLU F 13 -13.36 31.93 -11.39
CA GLU F 13 -13.28 32.23 -9.96
C GLU F 13 -14.68 32.12 -9.36
N GLU F 14 -15.65 32.90 -9.90
CA GLU F 14 -17.05 32.91 -9.48
C GLU F 14 -17.67 31.53 -9.57
N HIS F 15 -17.38 30.78 -10.66
CA HIS F 15 -17.88 29.44 -10.90
C HIS F 15 -17.45 28.46 -9.81
N LEU F 16 -16.14 28.43 -9.51
CA LEU F 16 -15.56 27.52 -8.51
C LEU F 16 -15.93 27.88 -7.09
N ALA F 17 -16.13 29.19 -6.82
CA ALA F 17 -16.54 29.70 -5.51
C ALA F 17 -17.87 29.05 -5.10
N LEU F 18 -18.81 28.94 -6.08
CA LEU F 18 -20.12 28.33 -5.88
C LEU F 18 -20.05 26.81 -5.77
N MET F 19 -19.03 26.21 -6.39
CA MET F 19 -18.81 24.76 -6.39
C MET F 19 -18.40 24.23 -5.01
N VAL F 20 -17.46 24.92 -4.34
CA VAL F 20 -16.94 24.51 -3.04
C VAL F 20 -17.99 24.66 -1.91
N GLU F 21 -19.14 25.34 -2.14
CA GLU F 21 -20.22 25.55 -1.15
C GLU F 21 -20.93 24.22 -0.75
N GLY F 22 -20.91 23.92 0.55
CA GLY F 22 -21.52 22.71 1.10
C GLY F 22 -22.50 22.92 2.23
N ASN F 23 -23.32 21.89 2.51
CA ASN F 23 -24.33 21.91 3.57
C ASN F 23 -23.72 21.52 4.91
N MET G 4 6.28 -19.77 -9.84
CA MET G 4 5.99 -18.84 -8.75
C MET G 4 7.02 -17.69 -8.69
N LEU G 5 8.33 -18.01 -8.55
CA LEU G 5 9.42 -17.04 -8.42
C LEU G 5 9.68 -16.23 -9.70
N GLU G 6 9.31 -16.76 -10.89
CA GLU G 6 9.45 -16.02 -12.14
C GLU G 6 8.42 -14.89 -12.17
N ARG G 7 7.17 -15.20 -11.78
CA ARG G 7 6.06 -14.25 -11.69
C ARG G 7 6.26 -13.27 -10.53
N GLU G 8 6.86 -13.73 -9.42
CA GLU G 8 7.18 -12.91 -8.23
C GLU G 8 8.17 -11.80 -8.61
N LYS G 9 9.06 -12.08 -9.60
CA LYS G 9 10.04 -11.13 -10.13
C LYS G 9 9.33 -10.08 -11.00
N ILE G 10 8.38 -10.50 -11.86
CA ILE G 10 7.58 -9.64 -12.75
C ILE G 10 6.65 -8.76 -11.93
N TYR G 11 5.88 -9.35 -10.96
CA TYR G 11 4.94 -8.65 -10.07
C TYR G 11 5.65 -7.61 -9.21
N GLN G 12 6.90 -7.89 -8.82
CA GLN G 12 7.75 -7.02 -8.01
C GLN G 12 8.08 -5.78 -8.82
N TRP G 13 8.52 -5.96 -10.10
CA TRP G 13 8.86 -4.89 -11.03
C TRP G 13 7.66 -4.00 -11.37
N ILE G 14 6.45 -4.60 -11.52
CA ILE G 14 5.20 -3.86 -11.81
C ILE G 14 4.90 -2.89 -10.67
N ASN G 15 5.09 -3.39 -9.45
CA ASN G 15 4.92 -2.63 -8.23
C ASN G 15 6.06 -1.62 -8.06
N GLU G 16 7.27 -1.97 -8.56
CA GLU G 16 8.49 -1.14 -8.52
C GLU G 16 8.35 0.11 -9.41
N LEU G 17 7.44 0.08 -10.42
CA LEU G 17 7.18 1.17 -11.37
C LEU G 17 6.51 2.36 -10.67
N SER G 18 5.74 2.07 -9.60
CA SER G 18 5.00 3.08 -8.85
C SER G 18 5.91 4.10 -8.12
N SER G 19 6.99 3.64 -7.48
CA SER G 19 7.93 4.57 -6.82
C SER G 19 9.05 4.98 -7.80
N PRO G 20 9.35 6.31 -7.97
CA PRO G 20 10.39 6.72 -8.93
C PRO G 20 11.79 6.18 -8.66
N GLU G 21 12.07 5.85 -7.38
CA GLU G 21 13.33 5.29 -6.89
C GLU G 21 13.71 3.97 -7.60
N THR G 22 12.70 3.15 -7.99
CA THR G 22 12.90 1.84 -8.63
C THR G 22 12.32 1.73 -10.05
N ARG G 23 11.55 2.75 -10.49
CA ARG G 23 10.88 2.83 -11.80
C ARG G 23 11.82 2.59 -12.99
N GLU G 24 13.02 3.22 -13.01
CA GLU G 24 14.00 3.12 -14.10
C GLU G 24 14.46 1.69 -14.39
N ASN G 25 14.90 0.95 -13.36
CA ASN G 25 15.35 -0.44 -13.49
C ASN G 25 14.17 -1.35 -13.83
N ALA G 26 12.98 -1.07 -13.22
CA ALA G 26 11.70 -1.77 -13.39
C ALA G 26 11.21 -1.67 -14.83
N LEU G 27 11.52 -0.55 -15.51
CA LEU G 27 11.19 -0.31 -16.91
C LEU G 27 12.08 -1.18 -17.77
N LEU G 28 13.41 -1.14 -17.53
CA LEU G 28 14.41 -1.93 -18.28
C LEU G 28 14.16 -3.42 -18.20
N GLU G 29 13.91 -3.96 -16.99
CA GLU G 29 13.68 -5.39 -16.80
C GLU G 29 12.41 -5.84 -17.47
N LEU G 30 11.31 -5.12 -17.28
CA LEU G 30 10.02 -5.44 -17.93
C LEU G 30 10.04 -5.28 -19.46
N SER G 31 10.69 -4.23 -20.01
CA SER G 31 10.76 -3.99 -21.46
C SER G 31 11.45 -5.11 -22.25
N LYS G 32 12.36 -5.87 -21.59
CA LYS G 32 13.06 -6.98 -22.23
C LYS G 32 12.34 -8.32 -21.98
N LYS G 33 11.65 -8.46 -20.83
CA LYS G 33 10.89 -9.67 -20.50
C LYS G 33 9.52 -9.68 -21.23
N ARG G 34 9.19 -8.55 -21.88
CA ARG G 34 7.98 -8.22 -22.64
C ARG G 34 7.45 -9.34 -23.58
N GLU G 35 8.36 -9.96 -24.37
CA GLU G 35 8.06 -11.02 -25.32
C GLU G 35 7.92 -12.41 -24.67
N SER G 36 8.62 -12.64 -23.56
CA SER G 36 8.56 -13.90 -22.82
C SER G 36 7.33 -14.03 -21.89
N VAL G 37 6.65 -12.90 -21.59
CA VAL G 37 5.43 -12.86 -20.77
C VAL G 37 4.24 -12.55 -21.70
N PRO G 38 3.30 -13.52 -21.88
CA PRO G 38 2.18 -13.26 -22.80
C PRO G 38 1.11 -12.33 -22.21
N ASP G 39 0.70 -12.58 -20.97
CA ASP G 39 -0.29 -11.80 -20.25
C ASP G 39 0.31 -10.59 -19.51
N LEU G 40 1.43 -10.03 -20.01
CA LEU G 40 2.08 -8.86 -19.39
C LEU G 40 1.21 -7.59 -19.49
N ALA G 41 0.57 -7.36 -20.65
CA ALA G 41 -0.28 -6.20 -20.88
C ALA G 41 -1.45 -6.08 -19.87
N PRO G 42 -2.29 -7.13 -19.60
CA PRO G 42 -3.35 -6.98 -18.57
C PRO G 42 -2.79 -6.74 -17.18
N MET G 43 -1.58 -7.29 -16.89
CA MET G 43 -0.88 -7.15 -15.62
C MET G 43 -0.45 -5.71 -15.39
N LEU G 44 0.03 -5.04 -16.44
CA LEU G 44 0.44 -3.64 -16.37
C LEU G 44 -0.81 -2.77 -16.26
N TRP G 45 -1.87 -3.15 -16.97
CA TRP G 45 -3.10 -2.39 -17.03
C TRP G 45 -3.93 -2.45 -15.75
N HIS G 46 -3.83 -3.56 -14.98
CA HIS G 46 -4.61 -3.77 -13.74
C HIS G 46 -4.83 -2.51 -12.87
N SER G 47 -3.84 -1.60 -12.72
CA SER G 47 -4.06 -0.42 -11.88
C SER G 47 -3.74 0.90 -12.56
N PHE G 48 -4.52 1.96 -12.23
CA PHE G 48 -4.30 3.31 -12.76
C PHE G 48 -3.02 3.89 -12.18
N GLY G 49 -2.33 3.10 -11.37
CA GLY G 49 -1.06 3.48 -10.77
C GLY G 49 0.11 3.16 -11.67
N THR G 50 0.08 1.96 -12.30
CA THR G 50 1.12 1.50 -13.23
C THR G 50 1.07 2.32 -14.55
N ILE G 51 -0.14 2.52 -15.10
CA ILE G 51 -0.37 3.31 -16.31
C ILE G 51 0.02 4.78 -16.09
N ALA G 52 -0.29 5.35 -14.91
CA ALA G 52 0.07 6.73 -14.54
C ALA G 52 1.58 6.89 -14.46
N ALA G 53 2.26 5.88 -13.83
CA ALA G 53 3.72 5.78 -13.70
C ALA G 53 4.38 5.78 -15.08
N LEU G 54 3.81 5.02 -16.04
CA LEU G 54 4.27 4.92 -17.43
C LEU G 54 4.09 6.26 -18.18
N LEU G 55 2.93 6.90 -18.00
CA LEU G 55 2.61 8.18 -18.65
C LEU G 55 3.42 9.32 -18.09
N GLN G 56 3.87 9.18 -16.83
CA GLN G 56 4.71 10.19 -16.19
C GLN G 56 6.05 10.19 -16.89
N GLU G 57 6.57 9.00 -17.22
CA GLU G 57 7.83 8.84 -17.92
C GLU G 57 7.83 9.56 -19.28
N ILE G 58 6.66 9.59 -19.92
CA ILE G 58 6.45 10.25 -21.21
C ILE G 58 6.46 11.79 -21.07
N VAL G 59 5.61 12.31 -20.16
CA VAL G 59 5.45 13.74 -19.92
C VAL G 59 6.70 14.41 -19.34
N ASN G 60 7.54 13.65 -18.60
CA ASN G 60 8.81 14.13 -18.01
C ASN G 60 9.83 14.52 -19.07
N ILE G 61 9.75 13.87 -20.24
CA ILE G 61 10.64 14.05 -21.39
C ILE G 61 10.21 15.20 -22.32
N TYR G 62 8.97 15.72 -22.14
CA TYR G 62 8.46 16.86 -22.92
C TYR G 62 9.39 18.12 -22.90
N PRO G 63 9.97 18.55 -21.74
CA PRO G 63 10.89 19.71 -21.77
C PRO G 63 12.20 19.48 -22.55
N SER G 64 12.55 18.21 -22.81
CA SER G 64 13.76 17.82 -23.54
C SER G 64 13.47 17.59 -25.05
N ILE G 65 12.22 17.83 -25.46
CA ILE G 65 11.70 17.70 -26.85
C ILE G 65 11.90 19.02 -27.59
N ASN G 66 11.55 20.12 -26.93
CA ASN G 66 11.73 21.48 -27.41
C ASN G 66 12.16 22.33 -26.22
N PRO G 67 13.42 22.82 -26.18
CA PRO G 67 14.48 22.65 -27.21
C PRO G 67 14.97 21.19 -27.29
N PRO G 68 15.32 20.68 -28.51
CA PRO G 68 15.76 19.27 -28.63
C PRO G 68 17.06 18.92 -27.89
N THR G 69 16.93 18.65 -26.58
CA THR G 69 18.06 18.37 -25.67
C THR G 69 18.01 16.94 -25.11
N LEU G 70 17.24 16.04 -25.79
CA LEU G 70 17.09 14.65 -25.38
C LEU G 70 18.43 13.89 -25.53
N THR G 71 18.87 13.27 -24.43
CA THR G 71 20.11 12.50 -24.35
C THR G 71 19.85 11.01 -24.59
N ALA G 72 20.93 10.22 -24.79
CA ALA G 72 20.88 8.78 -25.03
C ALA G 72 20.16 8.08 -23.88
N HIS G 73 20.55 8.40 -22.62
CA HIS G 73 19.96 7.88 -21.39
C HIS G 73 18.46 8.22 -21.35
N GLN G 74 18.11 9.50 -21.60
CA GLN G 74 16.74 10.00 -21.59
C GLN G 74 15.87 9.21 -22.56
N SER G 75 16.38 8.98 -23.78
CA SER G 75 15.69 8.23 -24.85
C SER G 75 15.52 6.75 -24.48
N ASN G 76 16.60 6.13 -23.92
CA ASN G 76 16.57 4.73 -23.51
C ASN G 76 15.50 4.49 -22.49
N ARG G 77 15.42 5.38 -21.46
CA ARG G 77 14.45 5.32 -20.37
C ARG G 77 13.02 5.42 -20.89
N VAL G 78 12.70 6.49 -21.67
CA VAL G 78 11.34 6.70 -22.18
C VAL G 78 10.93 5.60 -23.16
N CYS G 79 11.92 5.06 -23.89
CA CYS G 79 11.60 4.05 -24.88
C CYS G 79 11.27 2.71 -24.28
N ASN G 80 11.73 2.44 -23.05
CA ASN G 80 11.39 1.23 -22.30
C ASN G 80 9.92 1.32 -21.88
N ALA G 81 9.48 2.54 -21.48
CA ALA G 81 8.09 2.85 -21.11
C ALA G 81 7.23 2.68 -22.36
N LEU G 82 7.70 3.26 -23.50
CA LEU G 82 7.01 3.19 -24.79
C LEU G 82 6.89 1.75 -25.28
N ALA G 83 7.92 0.92 -24.99
CA ALA G 83 7.92 -0.49 -25.36
C ALA G 83 6.82 -1.21 -24.58
N LEU G 84 6.63 -0.85 -23.30
CA LEU G 84 5.61 -1.47 -22.48
C LEU G 84 4.23 -1.05 -22.96
N LEU G 85 4.12 0.16 -23.52
CA LEU G 85 2.85 0.67 -24.06
C LEU G 85 2.53 0.00 -25.37
N GLN G 86 3.59 -0.36 -26.12
CA GLN G 86 3.55 -1.07 -27.40
C GLN G 86 2.85 -2.40 -27.18
N CYS G 87 3.23 -3.10 -26.08
CA CYS G 87 2.64 -4.39 -25.77
C CYS G 87 1.24 -4.26 -25.21
N VAL G 88 0.92 -3.11 -24.58
CA VAL G 88 -0.43 -2.83 -24.07
C VAL G 88 -1.35 -2.57 -25.31
N ALA G 89 -0.80 -1.87 -26.34
CA ALA G 89 -1.51 -1.57 -27.58
C ALA G 89 -1.82 -2.86 -28.37
N SER G 90 -0.88 -3.84 -28.37
CA SER G 90 -0.98 -5.13 -29.07
C SER G 90 -2.05 -6.09 -28.51
N HIS G 91 -2.09 -6.27 -27.16
CA HIS G 91 -2.95 -7.20 -26.44
C HIS G 91 -4.47 -6.97 -26.62
N PRO G 92 -5.24 -8.05 -26.93
CA PRO G 92 -6.70 -7.89 -27.13
C PRO G 92 -7.49 -7.40 -25.92
N GLU G 93 -7.08 -7.82 -24.72
CA GLU G 93 -7.71 -7.47 -23.44
C GLU G 93 -7.51 -5.97 -23.09
N THR G 94 -6.37 -5.41 -23.50
CA THR G 94 -6.04 -4.03 -23.14
C THR G 94 -6.00 -3.04 -24.32
N ARG G 95 -6.28 -3.47 -25.57
CA ARG G 95 -6.22 -2.58 -26.73
C ARG G 95 -7.34 -1.56 -26.73
N SER G 96 -8.58 -2.01 -26.54
CA SER G 96 -9.77 -1.16 -26.52
C SER G 96 -9.67 -0.10 -25.40
N ALA G 97 -9.21 -0.53 -24.21
CA ALA G 97 -9.02 0.32 -23.03
C ALA G 97 -7.95 1.39 -23.25
N PHE G 98 -6.82 1.01 -23.87
CA PHE G 98 -5.68 1.86 -24.22
C PHE G 98 -6.15 2.99 -25.17
N LEU G 99 -6.92 2.62 -26.20
CA LEU G 99 -7.48 3.54 -27.19
C LEU G 99 -8.46 4.50 -26.54
N ALA G 100 -9.42 3.96 -25.73
CA ALA G 100 -10.43 4.73 -25.01
C ALA G 100 -9.79 5.74 -24.08
N ALA G 101 -8.60 5.41 -23.53
CA ALA G 101 -7.81 6.24 -22.64
C ALA G 101 -6.96 7.26 -23.41
N HIS G 102 -7.06 7.26 -24.76
CA HIS G 102 -6.35 8.15 -25.70
C HIS G 102 -4.82 8.19 -25.52
N ILE G 103 -4.22 7.14 -24.90
CA ILE G 103 -2.77 7.02 -24.66
C ILE G 103 -1.92 7.45 -25.89
N PRO G 104 -2.24 7.07 -27.16
CA PRO G 104 -1.41 7.52 -28.30
C PRO G 104 -1.17 9.01 -28.39
N LEU G 105 -2.13 9.84 -27.94
CA LEU G 105 -1.99 11.30 -27.98
C LEU G 105 -0.74 11.81 -27.27
N PHE G 106 -0.25 11.10 -26.24
CA PHE G 106 0.96 11.45 -25.49
C PHE G 106 2.23 11.26 -26.35
N LEU G 107 2.15 10.43 -27.40
CA LEU G 107 3.25 10.09 -28.31
C LEU G 107 3.33 11.06 -29.48
N TYR G 108 2.22 11.70 -29.79
CA TYR G 108 2.14 12.64 -30.90
C TYR G 108 3.20 13.74 -30.79
N PRO G 109 3.50 14.36 -29.60
CA PRO G 109 4.60 15.33 -29.55
C PRO G 109 5.93 14.73 -30.04
N PHE G 110 6.23 13.46 -29.69
CA PHE G 110 7.44 12.73 -30.09
C PHE G 110 7.53 12.59 -31.59
N LEU G 111 6.39 12.27 -32.25
CA LEU G 111 6.27 12.11 -33.70
C LEU G 111 6.36 13.45 -34.45
N HIS G 112 6.21 14.59 -33.73
CA HIS G 112 6.31 15.94 -34.29
C HIS G 112 7.75 16.36 -34.47
N THR G 113 8.67 15.75 -33.67
CA THR G 113 10.11 16.05 -33.64
C THR G 113 10.76 15.82 -34.97
N VAL G 114 11.77 16.65 -35.28
CA VAL G 114 12.50 16.56 -36.53
C VAL G 114 13.97 16.27 -36.32
N SER G 115 14.53 16.54 -35.09
CA SER G 115 15.94 16.28 -34.78
C SER G 115 16.37 14.91 -35.27
N LYS G 116 17.43 14.85 -36.10
CA LYS G 116 17.89 13.60 -36.69
C LYS G 116 18.98 12.89 -35.84
N THR G 117 19.12 13.29 -34.55
CA THR G 117 20.06 12.64 -33.62
C THR G 117 19.50 11.25 -33.27
N ARG G 118 20.37 10.29 -32.89
CA ARG G 118 19.89 8.94 -32.55
C ARG G 118 18.88 8.93 -31.38
N PRO G 119 19.06 9.71 -30.26
CA PRO G 119 18.02 9.71 -29.22
C PRO G 119 16.62 10.01 -29.76
N PHE G 120 16.53 10.96 -30.71
CA PHE G 120 15.27 11.32 -31.36
C PHE G 120 14.83 10.27 -32.37
N GLU G 121 15.75 9.73 -33.18
CA GLU G 121 15.49 8.65 -34.14
C GLU G 121 14.77 7.49 -33.40
N TYR G 122 15.38 7.00 -32.30
CA TYR G 122 14.87 5.92 -31.44
C TYR G 122 13.50 6.28 -30.85
N LEU G 123 13.36 7.52 -30.34
CA LEU G 123 12.11 8.02 -29.77
C LEU G 123 10.97 7.95 -30.81
N ARG G 124 11.23 8.40 -32.04
CA ARG G 124 10.22 8.41 -33.08
C ARG G 124 9.83 7.00 -33.56
N LEU G 125 10.85 6.16 -33.75
CA LEU G 125 10.74 4.77 -34.18
C LEU G 125 9.92 3.94 -33.17
N THR G 126 10.19 4.10 -31.86
CA THR G 126 9.49 3.40 -30.78
C THR G 126 8.04 3.86 -30.70
N SER G 127 7.82 5.18 -30.84
CA SER G 127 6.51 5.80 -30.84
C SER G 127 5.70 5.28 -32.04
N LEU G 128 6.33 5.20 -33.24
CA LEU G 128 5.68 4.65 -34.44
C LEU G 128 5.29 3.18 -34.18
N GLY G 129 6.17 2.43 -33.50
CA GLY G 129 5.96 1.03 -33.16
C GLY G 129 4.70 0.80 -32.37
N VAL G 130 4.33 1.78 -31.51
CA VAL G 130 3.10 1.75 -30.70
C VAL G 130 1.88 1.86 -31.63
N ILE G 131 1.87 2.84 -32.56
CA ILE G 131 0.80 3.04 -33.55
C ILE G 131 0.72 1.81 -34.50
N GLY G 132 1.89 1.28 -34.87
CA GLY G 132 2.00 0.09 -35.70
C GLY G 132 1.35 -1.11 -35.05
N ALA G 133 1.61 -1.29 -33.71
CA ALA G 133 1.03 -2.35 -32.86
C ALA G 133 -0.49 -2.23 -32.89
N LEU G 134 -0.99 -0.99 -32.89
CA LEU G 134 -2.41 -0.68 -32.90
C LEU G 134 -3.05 -1.05 -34.21
N VAL G 135 -2.49 -0.58 -35.33
CA VAL G 135 -3.00 -0.79 -36.70
C VAL G 135 -2.97 -2.25 -37.12
N LYS G 136 -1.96 -3.02 -36.65
CA LYS G 136 -1.78 -4.41 -37.03
C LYS G 136 -2.94 -5.32 -36.58
N THR G 137 -3.63 -4.95 -35.48
CA THR G 137 -4.78 -5.66 -34.87
C THR G 137 -6.00 -5.66 -35.81
N ASP G 138 -5.99 -4.83 -36.88
CA ASP G 138 -7.08 -4.66 -37.83
C ASP G 138 -8.45 -4.55 -37.16
N GLU G 139 -8.60 -3.55 -36.27
CA GLU G 139 -9.86 -3.27 -35.58
C GLU G 139 -10.38 -1.92 -36.07
N GLN G 140 -11.69 -1.85 -36.34
CA GLN G 140 -12.36 -0.64 -36.85
C GLN G 140 -12.24 0.55 -35.88
N GLU G 141 -12.09 0.26 -34.55
CA GLU G 141 -11.95 1.28 -33.50
C GLU G 141 -10.63 2.04 -33.57
N VAL G 142 -9.58 1.38 -34.05
CA VAL G 142 -8.23 1.94 -34.18
C VAL G 142 -8.23 3.01 -35.30
N ILE G 143 -8.75 2.66 -36.50
CA ILE G 143 -8.82 3.53 -37.67
C ILE G 143 -9.59 4.81 -37.37
N ASN G 144 -10.80 4.68 -36.80
CA ASN G 144 -11.66 5.82 -36.46
C ASN G 144 -11.02 6.72 -35.43
N PHE G 145 -10.23 6.14 -34.52
CA PHE G 145 -9.47 6.90 -33.53
C PHE G 145 -8.43 7.74 -34.29
N LEU G 146 -7.55 7.05 -35.05
CA LEU G 146 -6.47 7.62 -35.85
C LEU G 146 -6.91 8.71 -36.81
N LEU G 147 -8.12 8.58 -37.39
CA LEU G 147 -8.63 9.58 -38.34
C LEU G 147 -8.98 10.90 -37.63
N THR G 148 -9.56 10.80 -36.43
CA THR G 148 -9.96 11.97 -35.63
C THR G 148 -8.80 12.65 -34.90
N THR G 149 -7.66 11.97 -34.75
CA THR G 149 -6.53 12.48 -33.99
C THR G 149 -5.43 13.18 -34.82
N GLU G 150 -5.51 13.22 -36.16
CA GLU G 150 -4.50 13.88 -37.02
C GLU G 150 -3.14 13.16 -37.08
N ILE G 151 -3.17 11.84 -37.26
CA ILE G 151 -1.95 11.05 -37.39
C ILE G 151 -1.44 11.09 -38.86
N ILE G 152 -2.37 11.11 -39.85
CA ILE G 152 -2.03 11.15 -41.27
C ILE G 152 -0.99 12.26 -41.56
N PRO G 153 -1.11 13.56 -41.11
CA PRO G 153 -0.01 14.52 -41.36
C PRO G 153 1.34 14.11 -40.76
N LEU G 154 1.30 13.55 -39.54
CA LEU G 154 2.51 13.10 -38.82
C LEU G 154 3.21 11.98 -39.56
N CYS G 155 2.43 11.04 -40.13
CA CYS G 155 2.91 9.88 -40.89
C CYS G 155 3.64 10.35 -42.12
N LEU G 156 2.92 11.12 -42.96
CA LEU G 156 3.32 11.73 -44.21
C LEU G 156 4.66 12.50 -44.10
N ARG G 157 4.87 13.22 -42.97
CA ARG G 157 6.10 13.98 -42.69
C ARG G 157 7.28 13.04 -42.53
N ILE G 158 7.06 11.93 -41.76
CA ILE G 158 8.05 10.86 -41.51
C ILE G 158 8.34 10.08 -42.81
N MET G 159 7.29 9.82 -43.64
CA MET G 159 7.37 9.12 -44.93
C MET G 159 8.25 9.86 -45.92
N GLU G 160 8.07 11.17 -45.95
CA GLU G 160 8.81 12.07 -46.84
C GLU G 160 10.28 12.21 -46.44
N SER G 161 10.54 12.46 -45.13
CA SER G 161 11.87 12.77 -44.63
C SER G 161 12.31 12.02 -43.37
N GLY G 162 12.22 10.69 -43.40
CA GLY G 162 12.64 9.83 -42.29
C GLY G 162 13.73 8.85 -42.64
N SER G 163 14.04 7.92 -41.71
CA SER G 163 15.01 6.83 -41.93
C SER G 163 14.29 5.79 -42.81
N GLU G 164 15.01 4.96 -43.59
CA GLU G 164 14.39 3.94 -44.46
C GLU G 164 13.29 3.18 -43.73
N LEU G 165 13.59 2.71 -42.50
CA LEU G 165 12.64 1.97 -41.66
C LEU G 165 11.52 2.86 -41.13
N SER G 166 11.81 4.08 -40.56
CA SER G 166 10.75 4.97 -40.06
C SER G 166 9.77 5.37 -41.19
N LYS G 167 10.33 5.57 -42.40
CA LYS G 167 9.60 5.81 -43.64
C LYS G 167 8.70 4.58 -43.93
N THR G 168 9.19 3.34 -43.69
CA THR G 168 8.46 2.08 -43.90
C THR G 168 7.29 1.92 -42.92
N VAL G 169 7.56 2.12 -41.61
CA VAL G 169 6.58 1.98 -40.52
C VAL G 169 5.49 3.01 -40.71
N ALA G 170 5.86 4.27 -41.10
CA ALA G 170 4.91 5.36 -41.35
C ALA G 170 4.02 5.07 -42.56
N THR G 171 4.58 4.49 -43.63
CA THR G 171 3.83 4.11 -44.82
C THR G 171 2.86 2.96 -44.47
N PHE G 172 3.32 2.01 -43.64
CA PHE G 172 2.55 0.86 -43.17
C PHE G 172 1.29 1.33 -42.42
N ILE G 173 1.43 2.35 -41.55
CA ILE G 173 0.31 2.94 -40.79
C ILE G 173 -0.68 3.59 -41.78
N LEU G 174 -0.16 4.37 -42.78
CA LEU G 174 -1.01 4.98 -43.80
C LEU G 174 -1.76 3.89 -44.60
N GLN G 175 -1.04 2.83 -44.98
CA GLN G 175 -1.58 1.69 -45.73
C GLN G 175 -2.76 1.06 -44.98
N LYS G 176 -2.57 0.72 -43.68
CA LYS G 176 -3.63 0.10 -42.88
C LYS G 176 -4.85 1.00 -42.75
N ILE G 177 -4.64 2.35 -42.75
CA ILE G 177 -5.71 3.36 -42.69
C ILE G 177 -6.47 3.32 -44.02
N LEU G 178 -5.71 3.42 -45.12
CA LEU G 178 -6.25 3.38 -46.48
C LEU G 178 -7.02 2.13 -46.78
N LEU G 179 -6.61 0.96 -46.23
CA LEU G 179 -7.28 -0.32 -46.44
C LEU G 179 -8.70 -0.34 -45.89
N ASP G 180 -8.96 0.48 -44.86
CA ASP G 180 -10.29 0.58 -44.27
C ASP G 180 -11.13 1.45 -45.18
N ASP G 181 -12.40 1.07 -45.39
CA ASP G 181 -13.29 1.83 -46.26
C ASP G 181 -13.42 3.30 -45.81
N THR G 182 -13.55 3.54 -44.49
CA THR G 182 -13.68 4.88 -43.91
C THR G 182 -12.38 5.68 -44.11
N GLY G 183 -11.24 4.99 -43.98
CA GLY G 183 -9.91 5.55 -44.17
C GLY G 183 -9.67 6.03 -45.58
N LEU G 184 -10.07 5.21 -46.60
CA LEU G 184 -9.93 5.57 -48.01
C LEU G 184 -10.84 6.75 -48.33
N ALA G 185 -12.07 6.71 -47.77
CA ALA G 185 -13.10 7.76 -47.92
C ALA G 185 -12.59 9.08 -47.35
N TYR G 186 -11.90 9.04 -46.18
CA TYR G 186 -11.35 10.22 -45.54
C TYR G 186 -10.28 10.89 -46.42
N ILE G 187 -9.22 10.13 -46.82
CA ILE G 187 -8.10 10.65 -47.64
C ILE G 187 -8.61 11.17 -49.01
N CYS G 188 -9.64 10.54 -49.58
CA CYS G 188 -10.22 10.94 -50.88
C CYS G 188 -11.38 11.97 -50.77
N GLN G 189 -11.83 12.32 -49.55
CA GLN G 189 -12.94 13.26 -49.28
C GLN G 189 -12.75 14.63 -49.95
N THR G 190 -11.54 15.21 -49.84
CA THR G 190 -11.18 16.49 -50.44
C THR G 190 -9.98 16.27 -51.36
N TYR G 191 -9.84 17.12 -52.41
CA TYR G 191 -8.68 17.07 -53.31
C TYR G 191 -7.42 17.39 -52.52
N GLU G 192 -7.49 18.40 -51.61
CA GLU G 192 -6.40 18.82 -50.70
C GLU G 192 -5.77 17.61 -50.01
N ARG G 193 -6.60 16.76 -49.33
CA ARG G 193 -6.17 15.56 -48.60
C ARG G 193 -5.47 14.56 -49.52
N PHE G 194 -6.13 14.19 -50.64
CA PHE G 194 -5.59 13.25 -51.62
C PHE G 194 -4.25 13.75 -52.21
N SER G 195 -4.25 15.00 -52.74
CA SER G 195 -3.11 15.67 -53.36
C SER G 195 -1.91 15.70 -52.45
N HIS G 196 -2.14 15.91 -51.14
CA HIS G 196 -1.10 15.93 -50.13
C HIS G 196 -0.44 14.54 -50.00
N VAL G 197 -1.26 13.47 -49.94
CA VAL G 197 -0.82 12.07 -49.86
C VAL G 197 -0.11 11.64 -51.15
N ALA G 198 -0.75 11.80 -52.31
CA ALA G 198 -0.22 11.44 -53.62
C ALA G 198 1.14 12.08 -53.92
N MET G 199 1.29 13.39 -53.63
CA MET G 199 2.52 14.14 -53.83
C MET G 199 3.68 13.54 -53.03
N ILE G 200 3.38 13.23 -51.75
CA ILE G 200 4.30 12.64 -50.80
C ILE G 200 4.70 11.24 -51.27
N LEU G 201 3.74 10.42 -51.76
CA LEU G 201 4.02 9.08 -52.33
C LEU G 201 4.89 9.18 -53.61
N GLY G 202 4.64 10.22 -54.41
CA GLY G 202 5.35 10.49 -55.66
C GLY G 202 6.81 10.80 -55.41
N LYS G 203 7.04 11.71 -54.43
CA LYS G 203 8.36 12.13 -53.98
C LYS G 203 9.16 10.90 -53.56
N MET G 204 8.50 9.98 -52.82
CA MET G 204 9.03 8.71 -52.33
C MET G 204 9.47 7.78 -53.46
N VAL G 205 8.65 7.61 -54.52
CA VAL G 205 9.00 6.76 -55.67
C VAL G 205 10.30 7.32 -56.31
N LEU G 206 10.47 8.66 -56.33
CA LEU G 206 11.66 9.28 -56.87
C LEU G 206 12.92 8.97 -56.04
N GLN G 207 12.83 8.97 -54.69
CA GLN G 207 13.97 8.62 -53.85
C GLN G 207 14.25 7.13 -53.97
N LEU G 208 13.17 6.29 -54.03
CA LEU G 208 13.26 4.83 -54.17
C LEU G 208 13.91 4.42 -55.50
N SER G 209 13.72 5.23 -56.55
CA SER G 209 14.32 4.93 -57.85
C SER G 209 15.84 5.16 -57.81
N LYS G 210 16.31 6.07 -56.92
CA LYS G 210 17.73 6.39 -56.71
C LYS G 210 18.33 5.39 -55.71
N GLU G 211 17.79 5.38 -54.48
CA GLU G 211 18.22 4.49 -53.38
C GLU G 211 17.07 3.49 -53.14
N PRO G 212 17.13 2.26 -53.70
CA PRO G 212 16.02 1.33 -53.52
C PRO G 212 15.89 0.67 -52.14
N SER G 213 14.63 0.35 -51.78
CA SER G 213 14.22 -0.34 -50.58
C SER G 213 13.02 -1.18 -51.01
N ALA G 214 13.25 -2.49 -51.19
CA ALA G 214 12.23 -3.44 -51.65
C ALA G 214 11.04 -3.54 -50.68
N ARG G 215 11.26 -3.27 -49.37
CA ARG G 215 10.19 -3.31 -48.38
C ARG G 215 9.39 -1.97 -48.35
N LEU G 216 10.06 -0.80 -48.50
CA LEU G 216 9.38 0.49 -48.54
C LEU G 216 8.54 0.58 -49.82
N LEU G 217 9.08 0.11 -50.97
CA LEU G 217 8.37 0.08 -52.25
C LEU G 217 7.10 -0.78 -52.17
N LYS G 218 7.15 -1.91 -51.44
CA LYS G 218 6.01 -2.80 -51.24
C LYS G 218 4.84 -2.02 -50.63
N HIS G 219 5.11 -1.17 -49.61
CA HIS G 219 4.06 -0.39 -48.94
C HIS G 219 3.57 0.81 -49.74
N VAL G 220 4.47 1.51 -50.48
CA VAL G 220 4.16 2.65 -51.36
C VAL G 220 3.24 2.14 -52.50
N VAL G 221 3.56 0.96 -53.08
CA VAL G 221 2.78 0.32 -54.14
C VAL G 221 1.37 -0.03 -53.63
N ARG G 222 1.27 -0.68 -52.44
CA ARG G 222 0.00 -1.03 -51.80
C ARG G 222 -0.87 0.20 -51.57
N CYS G 223 -0.23 1.34 -51.19
CA CYS G 223 -0.89 2.64 -50.94
C CYS G 223 -1.49 3.17 -52.23
N TYR G 224 -0.68 3.21 -53.30
CA TYR G 224 -1.11 3.65 -54.64
C TYR G 224 -2.25 2.79 -55.17
N LEU G 225 -2.14 1.45 -55.02
CA LEU G 225 -3.15 0.47 -55.45
C LEU G 225 -4.47 0.64 -54.71
N ARG G 226 -4.42 0.91 -53.41
CA ARG G 226 -5.63 1.11 -52.63
C ARG G 226 -6.35 2.41 -53.03
N LEU G 227 -5.58 3.46 -53.34
CA LEU G 227 -6.13 4.74 -53.79
C LEU G 227 -6.89 4.58 -55.11
N SER G 228 -6.42 3.66 -55.99
CA SER G 228 -7.06 3.38 -57.27
C SER G 228 -8.47 2.78 -57.12
N ASP G 229 -8.85 2.36 -55.88
CA ASP G 229 -10.19 1.82 -55.60
C ASP G 229 -11.24 2.94 -55.54
N ASN G 230 -10.81 4.17 -55.17
CA ASN G 230 -11.69 5.33 -55.14
C ASN G 230 -11.74 5.95 -56.56
N PRO G 231 -12.95 6.33 -57.08
CA PRO G 231 -13.04 6.86 -58.45
C PRO G 231 -12.43 8.23 -58.70
N ARG G 232 -12.53 9.13 -57.71
CA ARG G 232 -11.97 10.48 -57.77
C ARG G 232 -10.46 10.39 -57.67
N ALA G 233 -9.96 9.41 -56.90
CA ALA G 233 -8.54 9.17 -56.77
C ALA G 233 -7.97 8.47 -58.02
N ARG G 234 -8.71 7.51 -58.59
CA ARG G 234 -8.32 6.76 -59.80
C ARG G 234 -8.13 7.71 -60.99
N GLU G 235 -9.08 8.64 -61.18
CA GLU G 235 -9.05 9.64 -62.25
C GLU G 235 -7.88 10.62 -62.05
N ALA G 236 -7.65 11.03 -60.79
CA ALA G 236 -6.56 11.92 -60.38
C ALA G 236 -5.21 11.25 -60.62
N LEU G 237 -5.12 9.95 -60.28
CA LEU G 237 -3.92 9.14 -60.46
C LEU G 237 -3.59 8.86 -61.93
N ARG G 238 -4.60 8.90 -62.82
CA ARG G 238 -4.37 8.72 -64.26
C ARG G 238 -3.47 9.85 -64.78
N GLN G 239 -3.43 10.97 -64.01
CA GLN G 239 -2.73 12.22 -64.31
C GLN G 239 -1.39 12.39 -63.57
N CYS G 240 -1.34 11.96 -62.32
CA CYS G 240 -0.19 12.18 -61.44
C CYS G 240 0.69 10.96 -61.16
N LEU G 241 0.31 9.74 -61.62
CA LEU G 241 1.09 8.52 -61.31
C LEU G 241 2.53 8.61 -61.80
N PRO G 242 3.55 8.42 -60.91
CA PRO G 242 4.95 8.52 -61.35
C PRO G 242 5.28 7.61 -62.54
N ASP G 243 6.05 8.15 -63.50
CA ASP G 243 6.45 7.39 -64.67
C ASP G 243 7.32 6.18 -64.32
N GLN G 244 8.03 6.23 -63.16
CA GLN G 244 8.89 5.16 -62.65
C GLN G 244 8.10 3.88 -62.30
N LEU G 245 6.80 4.02 -62.01
CA LEU G 245 5.90 2.90 -61.70
C LEU G 245 5.30 2.31 -62.98
N LYS G 246 5.25 3.10 -64.06
CA LYS G 246 4.70 2.70 -65.36
C LYS G 246 5.75 1.98 -66.22
N ASP G 247 7.03 2.44 -66.18
CA ASP G 247 8.13 1.86 -66.97
C ASP G 247 8.90 0.74 -66.22
N THR G 248 10.07 0.35 -66.75
CA THR G 248 10.96 -0.72 -66.28
C THR G 248 11.97 -0.31 -65.17
N THR G 249 11.61 0.67 -64.30
CA THR G 249 12.50 1.16 -63.25
C THR G 249 12.74 0.11 -62.16
N PHE G 250 11.66 -0.30 -61.49
CA PHE G 250 11.72 -1.21 -60.34
C PHE G 250 11.59 -2.68 -60.71
N ALA G 251 11.52 -2.98 -62.04
CA ALA G 251 11.41 -4.33 -62.58
C ALA G 251 12.45 -5.31 -62.00
N GLN G 252 13.70 -4.81 -61.82
CA GLN G 252 14.84 -5.57 -61.28
C GLN G 252 14.70 -5.93 -59.80
N VAL G 253 14.33 -4.94 -58.95
CA VAL G 253 14.17 -5.12 -57.50
C VAL G 253 12.90 -5.94 -57.19
N LEU G 254 11.91 -5.94 -58.12
CA LEU G 254 10.63 -6.63 -57.93
C LEU G 254 10.58 -8.10 -58.37
N LYS G 255 11.64 -8.64 -59.01
CA LYS G 255 11.69 -10.04 -59.44
C LYS G 255 11.59 -11.03 -58.25
N ASP G 256 12.14 -10.64 -57.08
CA ASP G 256 12.13 -11.42 -55.84
C ASP G 256 10.85 -11.21 -54.99
N ASP G 257 10.26 -9.99 -55.05
CA ASP G 257 9.00 -9.69 -54.36
C ASP G 257 7.86 -9.88 -55.37
N THR G 258 7.26 -11.08 -55.35
CA THR G 258 6.19 -11.47 -56.29
C THR G 258 4.85 -10.74 -56.00
N THR G 259 4.57 -10.43 -54.72
CA THR G 259 3.34 -9.77 -54.30
C THR G 259 3.27 -8.31 -54.82
N THR G 260 4.38 -7.54 -54.68
CA THR G 260 4.51 -6.13 -55.12
C THR G 260 4.37 -6.04 -56.66
N LYS G 261 5.02 -6.97 -57.40
CA LYS G 261 4.96 -6.94 -58.85
C LYS G 261 3.54 -7.26 -59.33
N ARG G 262 2.79 -8.04 -58.53
CA ARG G 262 1.38 -8.35 -58.79
C ARG G 262 0.53 -7.12 -58.49
N TRP G 263 0.84 -6.40 -57.41
CA TRP G 263 0.16 -5.17 -56.98
C TRP G 263 0.33 -4.01 -57.96
N LEU G 264 1.53 -3.88 -58.53
CA LEU G 264 1.82 -2.86 -59.53
C LEU G 264 1.16 -3.23 -60.87
N ALA G 265 1.04 -4.55 -61.18
CA ALA G 265 0.37 -5.04 -62.39
C ALA G 265 -1.13 -4.76 -62.32
N GLN G 266 -1.71 -4.84 -61.10
CA GLN G 266 -3.13 -4.59 -60.83
C GLN G 266 -3.41 -3.08 -60.89
N LEU G 267 -2.49 -2.27 -60.35
CA LEU G 267 -2.61 -0.81 -60.35
C LEU G 267 -2.69 -0.22 -61.76
N VAL G 268 -1.77 -0.63 -62.65
CA VAL G 268 -1.72 -0.16 -64.04
C VAL G 268 -3.01 -0.54 -64.78
N LYS G 269 -3.52 -1.78 -64.52
CA LYS G 269 -4.76 -2.31 -65.09
C LYS G 269 -5.98 -1.53 -64.57
N ASN G 270 -5.95 -1.15 -63.27
CA ASN G 270 -7.01 -0.37 -62.61
C ASN G 270 -7.10 1.05 -63.18
N LEU G 271 -5.94 1.60 -63.56
CA LEU G 271 -5.83 2.96 -64.09
C LEU G 271 -6.20 3.10 -65.55
N GLN G 272 -5.86 2.09 -66.38
CA GLN G 272 -6.15 2.11 -67.82
C GLN G 272 -7.66 1.91 -68.14
N GLU G 273 -8.35 1.08 -67.31
CA GLU G 273 -9.79 0.77 -67.43
C GLU G 273 -10.46 0.57 -66.04
N ASP H 1 25.91 3.32 -21.89
CA ASP H 1 24.61 3.97 -22.07
C ASP H 1 24.35 4.36 -23.53
N ASP H 2 25.32 5.04 -24.18
CA ASP H 2 25.25 5.41 -25.60
C ASP H 2 25.43 4.16 -26.47
N GLN H 3 26.16 3.17 -25.94
CA GLN H 3 26.44 1.85 -26.51
C GLN H 3 25.15 1.03 -26.46
N GLN H 4 24.38 1.21 -25.35
CA GLN H 4 23.09 0.57 -25.09
C GLN H 4 22.03 1.21 -26.00
N LEU H 5 22.13 2.54 -26.28
CA LEU H 5 21.21 3.25 -27.17
C LEU H 5 21.27 2.64 -28.57
N ASP H 6 22.51 2.44 -29.08
CA ASP H 6 22.82 1.83 -30.37
C ASP H 6 22.33 0.37 -30.43
N HIS H 7 22.37 -0.34 -29.28
CA HIS H 7 21.88 -1.71 -29.16
C HIS H 7 20.34 -1.78 -29.17
N ASN H 8 19.66 -0.90 -28.39
CA ASN H 8 18.21 -0.82 -28.25
C ASN H 8 17.55 -0.35 -29.54
N PHE H 9 18.25 0.49 -30.31
CA PHE H 9 17.78 1.01 -31.60
C PHE H 9 17.68 -0.14 -32.60
N LYS H 10 18.76 -0.96 -32.73
CA LYS H 10 18.80 -2.12 -33.61
C LYS H 10 17.72 -3.12 -33.19
N GLN H 11 17.52 -3.30 -31.88
CA GLN H 11 16.49 -4.20 -31.35
C GLN H 11 15.12 -3.76 -31.86
N MET H 12 14.83 -2.44 -31.77
CA MET H 12 13.57 -1.83 -32.26
C MET H 12 13.46 -1.97 -33.75
N GLU H 13 14.60 -1.81 -34.45
CA GLU H 13 14.69 -1.95 -35.90
C GLU H 13 14.23 -3.34 -36.28
N GLU H 14 14.88 -4.39 -35.73
CA GLU H 14 14.56 -5.79 -35.96
C GLU H 14 13.10 -6.11 -35.60
N HIS H 15 12.61 -5.55 -34.48
CA HIS H 15 11.23 -5.72 -34.00
C HIS H 15 10.21 -5.20 -35.00
N LEU H 16 10.39 -3.96 -35.48
CA LEU H 16 9.49 -3.31 -36.42
C LEU H 16 9.56 -3.90 -37.82
N ALA H 17 10.75 -4.42 -38.20
CA ALA H 17 10.95 -5.06 -39.50
C ALA H 17 10.01 -6.27 -39.63
N LEU H 18 9.83 -7.04 -38.52
CA LEU H 18 8.94 -8.21 -38.46
C LEU H 18 7.48 -7.79 -38.42
N MET H 19 7.20 -6.60 -37.88
CA MET H 19 5.84 -6.07 -37.75
C MET H 19 5.24 -5.68 -39.10
N VAL H 20 6.02 -5.02 -39.97
CA VAL H 20 5.57 -4.59 -41.31
C VAL H 20 5.41 -5.78 -42.29
N GLU H 21 6.09 -6.92 -42.01
CA GLU H 21 6.06 -8.14 -42.82
C GLU H 21 4.68 -8.77 -42.86
C1 GOL I . 22.07 3.33 -38.96
O1 GOL I . 21.40 2.88 -37.79
C2 GOL I . 23.52 3.66 -38.71
O2 GOL I . 24.22 3.74 -39.98
C3 GOL I . 23.68 4.96 -37.96
O3 GOL I . 24.37 4.78 -36.74
#